data_2KS1
#
_entry.id   2KS1
#
loop_
_entity.id
_entity.type
_entity.pdbx_description
1 polymer 'Receptor tyrosine-protein kinase erbB-2'
2 polymer 'Epidermal growth factor receptor'
#
loop_
_entity_poly.entity_id
_entity_poly.type
_entity_poly.pdbx_seq_one_letter_code
_entity_poly.pdbx_strand_id
1 'polypeptide(L)' GCPAEQRASPLTSIISAVVGILLVVVLGVVFGILIKRRQQKIRK A
2 'polypeptide(L)' EGCPTNGPKIPSIATGMVGALLLLLVVALGIGLFMRRRHIVRKR B
#
# COMPACT_ATOMS: atom_id res chain seq x y z
N GLY A 1 -14.53 16.68 -5.75
CA GLY A 1 -14.62 16.61 -4.30
C GLY A 1 -14.35 15.23 -3.76
N CYS A 2 -13.96 15.17 -2.49
CA CYS A 2 -13.65 13.88 -1.85
C CYS A 2 -14.92 13.24 -1.29
N PRO A 3 -14.86 11.92 -1.05
CA PRO A 3 -16.00 11.16 -0.52
C PRO A 3 -16.29 11.52 0.94
N ALA A 4 -17.58 11.51 1.30
CA ALA A 4 -17.98 11.84 2.66
C ALA A 4 -17.30 10.93 3.67
N GLU A 5 -17.44 11.26 4.95
CA GLU A 5 -16.82 10.47 6.01
C GLU A 5 -17.52 9.12 6.17
N GLN A 6 -17.02 8.30 7.09
CA GLN A 6 -17.59 6.99 7.33
C GLN A 6 -17.19 6.47 8.71
N ARG A 7 -17.69 5.30 9.07
CA ARG A 7 -17.39 4.69 10.36
C ARG A 7 -17.98 3.29 10.45
N ALA A 8 -17.90 2.55 9.35
CA ALA A 8 -18.42 1.19 9.31
C ALA A 8 -17.74 0.37 8.22
N SER A 9 -18.22 -0.85 8.02
CA SER A 9 -17.64 -1.73 7.01
C SER A 9 -16.19 -2.05 7.32
N PRO A 10 -15.98 -2.88 8.35
CA PRO A 10 -14.63 -3.29 8.78
C PRO A 10 -13.95 -4.20 7.76
N LEU A 11 -14.74 -4.75 6.84
CA LEU A 11 -14.21 -5.65 5.82
C LEU A 11 -13.42 -4.87 4.78
N THR A 12 -13.60 -3.56 4.75
CA THR A 12 -12.91 -2.70 3.80
C THR A 12 -11.45 -2.49 4.22
N SER A 13 -11.22 -2.40 5.53
CA SER A 13 -9.88 -2.20 6.05
C SER A 13 -9.00 -3.42 5.79
N ILE A 14 -9.60 -4.60 5.88
CA ILE A 14 -8.87 -5.84 5.65
C ILE A 14 -8.43 -5.96 4.21
N ILE A 15 -9.37 -5.78 3.28
CA ILE A 15 -9.08 -5.87 1.86
C ILE A 15 -7.96 -4.91 1.47
N SER A 16 -8.02 -3.69 2.02
CA SER A 16 -7.01 -2.68 1.72
C SER A 16 -5.63 -3.16 2.13
N ALA A 17 -5.51 -3.62 3.37
CA ALA A 17 -4.24 -4.12 3.89
C ALA A 17 -3.72 -5.29 3.06
N VAL A 18 -4.59 -6.26 2.80
CA VAL A 18 -4.21 -7.42 2.01
C VAL A 18 -3.60 -7.01 0.68
N VAL A 19 -4.14 -5.95 0.08
CA VAL A 19 -3.65 -5.45 -1.20
C VAL A 19 -2.27 -4.82 -1.04
N GLY A 20 -2.07 -4.12 0.07
CA GLY A 20 -0.80 -3.46 0.33
C GLY A 20 0.34 -4.45 0.45
N ILE A 21 0.13 -5.52 1.20
CA ILE A 21 1.15 -6.54 1.40
C ILE A 21 1.36 -7.36 0.12
N LEU A 22 0.27 -7.71 -0.53
CA LEU A 22 0.32 -8.49 -1.76
C LEU A 22 1.00 -7.70 -2.88
N LEU A 23 0.77 -6.38 -2.88
CA LEU A 23 1.36 -5.52 -3.89
C LEU A 23 2.87 -5.42 -3.71
N VAL A 24 3.30 -5.20 -2.47
CA VAL A 24 4.73 -5.08 -2.17
C VAL A 24 5.47 -6.37 -2.54
N VAL A 25 4.83 -7.51 -2.31
CA VAL A 25 5.42 -8.80 -2.62
C VAL A 25 5.66 -8.95 -4.12
N VAL A 26 4.61 -8.71 -4.90
CA VAL A 26 4.71 -8.82 -6.35
C VAL A 26 5.70 -7.82 -6.91
N LEU A 27 5.51 -6.55 -6.57
CA LEU A 27 6.40 -5.49 -7.05
C LEU A 27 7.83 -5.73 -6.58
N GLY A 28 7.97 -6.32 -5.40
CA GLY A 28 9.30 -6.61 -4.87
C GLY A 28 10.07 -7.59 -5.72
N VAL A 29 9.42 -8.69 -6.08
CA VAL A 29 10.06 -9.71 -6.91
C VAL A 29 10.16 -9.26 -8.37
N VAL A 30 9.18 -8.49 -8.81
CA VAL A 30 9.16 -7.99 -10.18
C VAL A 30 10.24 -6.94 -10.40
N PHE A 31 10.25 -5.92 -9.53
CA PHE A 31 11.24 -4.85 -9.63
C PHE A 31 12.65 -5.39 -9.46
N GLY A 32 12.83 -6.26 -8.47
CA GLY A 32 14.13 -6.84 -8.20
C GLY A 32 14.68 -7.58 -9.40
N ILE A 33 13.87 -8.46 -9.98
CA ILE A 33 14.29 -9.23 -11.13
C ILE A 33 14.42 -8.36 -12.38
N LEU A 34 13.68 -7.25 -12.39
CA LEU A 34 13.71 -6.32 -13.51
C LEU A 34 15.05 -5.58 -13.56
N ILE A 35 15.58 -5.25 -12.39
CA ILE A 35 16.85 -4.54 -12.30
C ILE A 35 18.03 -5.51 -12.37
N LYS A 36 17.86 -6.68 -11.75
CA LYS A 36 18.91 -7.69 -11.75
C LYS A 36 19.34 -8.04 -13.16
N ARG A 37 18.36 -8.28 -14.04
CA ARG A 37 18.64 -8.61 -15.43
C ARG A 37 19.58 -7.60 -16.06
N ARG A 38 19.46 -6.34 -15.64
CA ARG A 38 20.30 -5.27 -16.16
C ARG A 38 21.73 -5.42 -15.66
N GLN A 39 21.88 -5.89 -14.43
CA GLN A 39 23.20 -6.07 -13.83
C GLN A 39 23.97 -7.18 -14.55
N GLN A 40 23.51 -8.41 -14.39
CA GLN A 40 24.15 -9.56 -15.02
C GLN A 40 23.16 -10.71 -15.20
N LYS A 41 23.59 -11.75 -15.91
CA LYS A 41 22.75 -12.91 -16.16
C LYS A 41 22.81 -13.89 -14.99
N ILE A 42 21.67 -14.12 -14.37
CA ILE A 42 21.59 -15.04 -13.24
C ILE A 42 20.97 -16.38 -13.65
N ARG A 43 20.09 -16.32 -14.65
CA ARG A 43 19.42 -17.52 -15.13
C ARG A 43 20.31 -18.28 -16.11
N LYS A 44 21.48 -18.71 -15.64
CA LYS A 44 22.42 -19.44 -16.47
C LYS A 44 22.79 -18.64 -17.72
N GLU B 1 -37.11 -1.95 14.32
CA GLU B 1 -38.36 -1.20 14.15
C GLU B 1 -38.44 -0.59 12.75
N GLY B 2 -37.36 0.05 12.33
CA GLY B 2 -37.33 0.67 11.01
C GLY B 2 -36.25 1.72 10.89
N CYS B 3 -36.32 2.53 9.84
CA CYS B 3 -35.34 3.58 9.61
C CYS B 3 -33.93 3.00 9.57
N PRO B 4 -33.61 2.28 8.49
CA PRO B 4 -32.30 1.66 8.30
C PRO B 4 -31.20 2.70 8.05
N THR B 5 -31.60 3.90 7.66
CA THR B 5 -30.65 4.97 7.39
C THR B 5 -29.73 4.62 6.23
N ASN B 6 -30.24 3.80 5.30
CA ASN B 6 -29.47 3.39 4.15
C ASN B 6 -28.23 2.60 4.58
N GLY B 7 -27.41 2.20 3.60
CA GLY B 7 -26.21 1.44 3.89
C GLY B 7 -25.28 1.36 2.71
N PRO B 8 -25.54 0.39 1.81
CA PRO B 8 -24.72 0.18 0.61
C PRO B 8 -24.88 1.31 -0.40
N LYS B 9 -24.16 2.41 -0.18
CA LYS B 9 -24.22 3.55 -1.09
C LYS B 9 -22.91 4.33 -1.07
N ILE B 10 -22.27 4.42 -2.23
CA ILE B 10 -21.01 5.14 -2.35
C ILE B 10 -21.11 6.54 -1.76
N PRO B 11 -20.08 6.95 -1.02
CA PRO B 11 -18.90 6.11 -0.77
C PRO B 11 -19.22 4.93 0.14
N SER B 12 -18.40 3.89 0.07
CA SER B 12 -18.59 2.70 0.88
C SER B 12 -17.47 1.68 0.64
N ILE B 13 -17.54 1.00 -0.49
CA ILE B 13 -16.54 0.00 -0.84
C ILE B 13 -15.31 0.66 -1.46
N ALA B 14 -15.51 1.82 -2.06
CA ALA B 14 -14.41 2.56 -2.70
C ALA B 14 -13.25 2.74 -1.74
N THR B 15 -13.56 2.84 -0.44
CA THR B 15 -12.54 3.02 0.58
C THR B 15 -11.45 1.95 0.47
N GLY B 16 -11.85 0.77 -0.01
CA GLY B 16 -10.90 -0.32 -0.15
C GLY B 16 -9.69 0.07 -0.99
N MET B 17 -9.95 0.55 -2.21
CA MET B 17 -8.88 0.95 -3.11
C MET B 17 -8.01 2.04 -2.48
N VAL B 18 -8.66 3.08 -1.97
CA VAL B 18 -7.94 4.18 -1.33
C VAL B 18 -7.07 3.68 -0.19
N GLY B 19 -7.61 2.74 0.58
CA GLY B 19 -6.87 2.20 1.70
C GLY B 19 -5.59 1.50 1.27
N ALA B 20 -5.67 0.73 0.20
CA ALA B 20 -4.51 0.01 -0.32
C ALA B 20 -3.44 0.98 -0.82
N LEU B 21 -3.88 2.01 -1.55
CA LEU B 21 -2.96 2.99 -2.08
C LEU B 21 -2.30 3.80 -0.96
N LEU B 22 -3.14 4.38 -0.10
CA LEU B 22 -2.64 5.18 1.02
C LEU B 22 -1.61 4.40 1.83
N LEU B 23 -2.00 3.22 2.28
CA LEU B 23 -1.10 2.37 3.07
C LEU B 23 0.22 2.17 2.36
N LEU B 24 0.16 1.88 1.06
CA LEU B 24 1.35 1.68 0.26
C LEU B 24 2.30 2.87 0.37
N LEU B 25 1.75 4.07 0.22
CA LEU B 25 2.54 5.29 0.30
C LEU B 25 3.06 5.50 1.72
N VAL B 26 2.22 5.21 2.71
CA VAL B 26 2.59 5.37 4.10
C VAL B 26 3.75 4.45 4.47
N VAL B 27 3.63 3.17 4.09
CA VAL B 27 4.66 2.19 4.39
C VAL B 27 5.95 2.52 3.66
N ALA B 28 5.84 2.82 2.36
CA ALA B 28 7.01 3.15 1.55
C ALA B 28 7.77 4.31 2.16
N LEU B 29 7.06 5.26 2.75
CA LEU B 29 7.67 6.42 3.37
C LEU B 29 8.36 6.05 4.67
N GLY B 30 7.74 5.16 5.44
CA GLY B 30 8.30 4.72 6.70
C GLY B 30 9.50 3.81 6.51
N ILE B 31 9.42 2.91 5.54
CA ILE B 31 10.50 1.98 5.27
C ILE B 31 11.66 2.69 4.58
N GLY B 32 11.34 3.61 3.67
CA GLY B 32 12.37 4.34 2.96
C GLY B 32 13.13 5.29 3.86
N LEU B 33 12.42 5.94 4.78
CA LEU B 33 13.04 6.89 5.69
C LEU B 33 13.90 6.16 6.74
N PHE B 34 13.39 5.02 7.20
CA PHE B 34 14.11 4.23 8.20
C PHE B 34 15.36 3.59 7.59
N MET B 35 15.24 3.16 6.34
CA MET B 35 16.37 2.54 5.65
C MET B 35 17.39 3.58 5.22
N ARG B 36 16.92 4.80 4.97
CA ARG B 36 17.80 5.89 4.57
C ARG B 36 18.45 6.56 5.78
N ARG B 37 17.77 6.46 6.92
CA ARG B 37 18.28 7.07 8.15
C ARG B 37 19.68 6.55 8.48
N ARG B 38 19.99 5.36 7.99
CA ARG B 38 21.29 4.75 8.23
C ARG B 38 22.25 5.05 7.08
N HIS B 39 21.96 6.10 6.33
CA HIS B 39 22.79 6.49 5.20
C HIS B 39 23.02 5.32 4.25
N ILE B 40 22.02 4.44 4.16
CA ILE B 40 22.10 3.28 3.29
C ILE B 40 21.45 3.55 1.94
N VAL B 41 22.25 4.08 1.00
CA VAL B 41 21.75 4.39 -0.33
C VAL B 41 22.24 3.36 -1.35
N ARG B 42 21.38 3.01 -2.29
CA ARG B 42 21.72 2.05 -3.33
C ARG B 42 22.63 2.68 -4.38
N LYS B 43 22.37 3.94 -4.69
CA LYS B 43 23.15 4.66 -5.69
C LYS B 43 23.07 6.17 -5.45
N ARG B 44 24.14 6.87 -5.78
CA ARG B 44 24.19 8.32 -5.61
C ARG B 44 24.80 9.00 -6.83
N GLY A 1 -20.85 16.07 20.88
CA GLY A 1 -20.91 14.64 21.17
C GLY A 1 -19.56 13.96 21.03
N CYS A 2 -19.38 12.84 21.72
CA CYS A 2 -18.13 12.10 21.67
C CYS A 2 -17.95 11.43 20.31
N PRO A 3 -16.71 11.06 19.98
CA PRO A 3 -16.36 10.41 18.71
C PRO A 3 -16.91 8.99 18.63
N ALA A 4 -17.93 8.79 17.80
CA ALA A 4 -18.53 7.48 17.63
C ALA A 4 -17.57 6.52 16.93
N GLU A 5 -18.09 5.36 16.53
CA GLU A 5 -17.28 4.36 15.84
C GLU A 5 -18.13 3.19 15.37
N GLN A 6 -17.86 2.71 14.17
CA GLN A 6 -18.61 1.60 13.61
C GLN A 6 -17.87 1.00 12.41
N ARG A 7 -18.48 -0.01 11.80
CA ARG A 7 -17.88 -0.68 10.64
C ARG A 7 -18.91 -1.53 9.91
N ALA A 8 -19.69 -0.89 9.05
CA ALA A 8 -20.71 -1.60 8.28
C ALA A 8 -20.10 -2.40 7.14
N SER A 9 -18.79 -2.27 6.97
CA SER A 9 -18.08 -2.97 5.92
C SER A 9 -16.61 -3.15 6.28
N PRO A 10 -16.35 -4.03 7.27
CA PRO A 10 -14.99 -4.33 7.73
C PRO A 10 -14.17 -5.09 6.70
N LEU A 11 -14.87 -5.66 5.71
CA LEU A 11 -14.20 -6.43 4.66
C LEU A 11 -13.45 -5.51 3.71
N THR A 12 -13.77 -4.22 3.76
CA THR A 12 -13.13 -3.24 2.90
C THR A 12 -11.73 -2.91 3.40
N SER A 13 -11.56 -2.90 4.71
CA SER A 13 -10.26 -2.60 5.32
C SER A 13 -9.27 -3.72 5.04
N ILE A 14 -9.74 -4.96 5.09
CA ILE A 14 -8.88 -6.11 4.84
C ILE A 14 -8.28 -6.06 3.43
N ILE A 15 -9.12 -5.76 2.45
CA ILE A 15 -8.67 -5.66 1.07
C ILE A 15 -7.54 -4.66 0.91
N SER A 16 -7.71 -3.48 1.52
CA SER A 16 -6.71 -2.44 1.45
C SER A 16 -5.38 -2.92 2.01
N ALA A 17 -5.44 -3.60 3.16
CA ALA A 17 -4.23 -4.12 3.79
C ALA A 17 -3.58 -5.20 2.94
N VAL A 18 -4.38 -6.18 2.52
CA VAL A 18 -3.88 -7.27 1.71
C VAL A 18 -3.15 -6.74 0.47
N VAL A 19 -3.74 -5.76 -0.18
CA VAL A 19 -3.14 -5.16 -1.37
C VAL A 19 -1.84 -4.44 -1.04
N GLY A 20 -1.80 -3.82 0.14
CA GLY A 20 -0.62 -3.11 0.56
C GLY A 20 0.59 -4.02 0.71
N ILE A 21 0.38 -5.16 1.37
CA ILE A 21 1.47 -6.11 1.58
C ILE A 21 1.86 -6.80 0.28
N LEU A 22 0.85 -7.18 -0.50
CA LEU A 22 1.09 -7.85 -1.79
C LEU A 22 1.80 -6.91 -2.76
N LEU A 23 1.46 -5.62 -2.69
CA LEU A 23 2.06 -4.63 -3.57
C LEU A 23 3.54 -4.43 -3.25
N VAL A 24 3.84 -4.31 -1.95
CA VAL A 24 5.22 -4.12 -1.51
C VAL A 24 6.09 -5.31 -1.91
N VAL A 25 5.52 -6.50 -1.83
CA VAL A 25 6.25 -7.72 -2.18
C VAL A 25 6.63 -7.72 -3.65
N VAL A 26 5.64 -7.51 -4.52
CA VAL A 26 5.89 -7.48 -5.96
C VAL A 26 6.86 -6.37 -6.33
N LEU A 27 6.55 -5.15 -5.90
CA LEU A 27 7.40 -3.99 -6.19
C LEU A 27 8.80 -4.19 -5.61
N GLY A 28 8.87 -4.88 -4.47
CA GLY A 28 10.15 -5.11 -3.84
C GLY A 28 11.07 -5.96 -4.68
N VAL A 29 10.54 -7.07 -5.20
CA VAL A 29 11.32 -7.96 -6.04
C VAL A 29 11.54 -7.38 -7.43
N VAL A 30 10.55 -6.63 -7.91
CA VAL A 30 10.63 -6.01 -9.22
C VAL A 30 11.65 -4.88 -9.24
N PHE A 31 11.59 -4.02 -8.23
CA PHE A 31 12.52 -2.90 -8.13
C PHE A 31 13.95 -3.38 -7.93
N GLY A 32 14.13 -4.30 -6.98
CA GLY A 32 15.45 -4.83 -6.71
C GLY A 32 16.10 -5.44 -7.94
N ILE A 33 15.34 -6.26 -8.66
CA ILE A 33 15.85 -6.91 -9.87
C ILE A 33 15.98 -5.91 -11.00
N LEU A 34 15.19 -4.85 -10.96
CA LEU A 34 15.23 -3.82 -11.99
C LEU A 34 16.52 -3.01 -11.91
N ILE A 35 16.99 -2.76 -10.69
CA ILE A 35 18.21 -2.01 -10.47
C ILE A 35 19.43 -2.82 -10.88
N LYS A 36 19.37 -4.13 -10.66
CA LYS A 36 20.47 -5.02 -11.02
C LYS A 36 20.84 -4.88 -12.49
N ARG A 37 19.84 -4.97 -13.36
CA ARG A 37 20.06 -4.85 -14.79
C ARG A 37 20.31 -3.39 -15.19
N ARG A 38 19.83 -2.46 -14.35
CA ARG A 38 19.99 -1.05 -14.61
C ARG A 38 21.47 -0.66 -14.56
N GLN A 39 22.04 -0.68 -13.36
CA GLN A 39 23.44 -0.33 -13.17
C GLN A 39 24.36 -1.37 -13.82
N GLN A 40 24.47 -2.52 -13.18
CA GLN A 40 25.32 -3.60 -13.70
C GLN A 40 24.93 -4.94 -13.09
N LYS A 41 25.30 -5.14 -11.83
CA LYS A 41 24.99 -6.38 -11.13
C LYS A 41 25.20 -6.21 -9.62
N ILE A 42 24.38 -5.36 -9.01
CA ILE A 42 24.47 -5.12 -7.57
C ILE A 42 25.80 -4.48 -7.20
N ARG A 43 25.99 -3.23 -7.62
CA ARG A 43 27.21 -2.50 -7.34
C ARG A 43 27.03 -1.01 -7.61
N LYS A 44 27.79 -0.19 -6.89
CA LYS A 44 27.71 1.26 -7.05
C LYS A 44 28.77 1.76 -8.03
N GLU B 1 -21.45 19.88 16.43
CA GLU B 1 -21.70 19.19 15.18
C GLU B 1 -21.78 17.68 15.38
N GLY B 2 -22.78 17.25 16.15
CA GLY B 2 -22.94 15.83 16.41
C GLY B 2 -24.17 15.26 15.74
N CYS B 3 -24.90 14.42 16.46
CA CYS B 3 -26.10 13.80 15.92
C CYS B 3 -25.80 12.99 14.66
N PRO B 4 -25.08 11.88 14.84
CA PRO B 4 -24.69 11.00 13.72
C PRO B 4 -25.89 10.26 13.13
N THR B 5 -26.28 10.67 11.93
CA THR B 5 -27.42 10.05 11.24
C THR B 5 -27.22 10.07 9.73
N ASN B 6 -26.82 8.92 9.18
CA ASN B 6 -26.59 8.80 7.74
C ASN B 6 -26.74 7.35 7.30
N GLY B 7 -26.63 7.13 5.99
CA GLY B 7 -26.76 5.79 5.45
C GLY B 7 -25.64 5.44 4.48
N PRO B 8 -25.64 4.19 3.99
CA PRO B 8 -24.62 3.71 3.05
C PRO B 8 -24.76 4.36 1.68
N LYS B 9 -23.92 5.35 1.40
CA LYS B 9 -23.95 6.05 0.13
C LYS B 9 -22.55 6.54 -0.26
N ILE B 10 -21.55 5.72 0.03
CA ILE B 10 -20.17 6.06 -0.28
C ILE B 10 -19.71 7.29 0.52
N PRO B 11 -18.49 7.20 1.08
CA PRO B 11 -17.63 6.02 0.94
C PRO B 11 -18.18 4.81 1.70
N SER B 12 -17.74 3.62 1.31
CA SER B 12 -18.18 2.39 1.95
C SER B 12 -17.58 1.17 1.26
N ILE B 13 -17.39 1.27 -0.04
CA ILE B 13 -16.83 0.17 -0.82
C ILE B 13 -15.58 0.62 -1.57
N ALA B 14 -15.57 1.88 -1.99
CA ALA B 14 -14.43 2.43 -2.72
C ALA B 14 -13.24 2.66 -1.79
N THR B 15 -13.53 2.82 -0.50
CA THR B 15 -12.48 3.05 0.49
C THR B 15 -11.40 1.98 0.41
N GLY B 16 -11.80 0.79 -0.03
CA GLY B 16 -10.85 -0.30 -0.15
C GLY B 16 -9.64 0.05 -1.00
N MET B 17 -9.90 0.51 -2.22
CA MET B 17 -8.84 0.89 -3.14
C MET B 17 -8.01 2.04 -2.57
N VAL B 18 -8.70 3.06 -2.07
CA VAL B 18 -8.03 4.22 -1.49
C VAL B 18 -7.08 3.81 -0.38
N GLY B 19 -7.51 2.85 0.44
CA GLY B 19 -6.67 2.39 1.53
C GLY B 19 -5.43 1.67 1.05
N ALA B 20 -5.59 0.84 0.03
CA ALA B 20 -4.46 0.09 -0.52
C ALA B 20 -3.39 1.03 -1.05
N LEU B 21 -3.81 2.04 -1.80
CA LEU B 21 -2.88 3.01 -2.36
C LEU B 21 -2.25 3.86 -1.26
N LEU B 22 -3.07 4.41 -0.39
CA LEU B 22 -2.59 5.24 0.71
C LEU B 22 -1.59 4.47 1.57
N LEU B 23 -2.00 3.30 2.04
CA LEU B 23 -1.14 2.47 2.87
C LEU B 23 0.20 2.22 2.20
N LEU B 24 0.16 1.89 0.91
CA LEU B 24 1.39 1.64 0.16
C LEU B 24 2.34 2.83 0.26
N LEU B 25 1.80 4.02 0.06
CA LEU B 25 2.61 5.24 0.13
C LEU B 25 3.10 5.50 1.55
N VAL B 26 2.22 5.25 2.52
CA VAL B 26 2.57 5.45 3.92
C VAL B 26 3.69 4.52 4.35
N VAL B 27 3.56 3.25 4.01
CA VAL B 27 4.57 2.24 4.36
C VAL B 27 5.89 2.53 3.66
N ALA B 28 5.82 2.79 2.36
CA ALA B 28 7.01 3.09 1.57
C ALA B 28 7.79 4.26 2.16
N LEU B 29 7.06 5.23 2.70
CA LEU B 29 7.68 6.41 3.30
C LEU B 29 8.32 6.07 4.64
N GLY B 30 7.66 5.20 5.41
CA GLY B 30 8.18 4.80 6.70
C GLY B 30 9.37 3.88 6.57
N ILE B 31 9.30 2.95 5.64
CA ILE B 31 10.38 1.99 5.42
C ILE B 31 11.58 2.66 4.74
N GLY B 32 11.29 3.55 3.80
CA GLY B 32 12.35 4.25 3.10
C GLY B 32 13.12 5.19 4.00
N LEU B 33 12.41 5.90 4.86
CA LEU B 33 13.04 6.84 5.78
C LEU B 33 13.84 6.11 6.85
N PHE B 34 13.28 5.02 7.35
CA PHE B 34 13.94 4.23 8.39
C PHE B 34 15.19 3.54 7.83
N MET B 35 15.11 3.10 6.58
CA MET B 35 16.23 2.43 5.93
C MET B 35 17.30 3.44 5.52
N ARG B 36 16.88 4.68 5.30
CA ARG B 36 17.80 5.74 4.89
C ARG B 36 18.52 6.32 6.10
N ARG B 37 18.01 6.01 7.29
CA ARG B 37 18.60 6.52 8.53
C ARG B 37 20.07 6.13 8.62
N ARG B 38 20.44 5.05 7.93
CA ARG B 38 21.81 4.57 7.94
C ARG B 38 22.20 4.00 6.58
N HIS B 39 21.52 4.46 5.53
CA HIS B 39 21.78 3.99 4.18
C HIS B 39 21.75 2.46 4.11
N ILE B 40 20.88 1.86 4.94
CA ILE B 40 20.75 0.42 4.98
C ILE B 40 22.05 -0.25 5.43
N VAL B 41 22.11 -0.59 6.71
CA VAL B 41 23.30 -1.24 7.26
C VAL B 41 23.05 -2.73 7.49
N ARG B 42 22.11 -3.29 6.74
CA ARG B 42 21.78 -4.71 6.87
C ARG B 42 22.72 -5.56 6.03
N LYS B 43 22.72 -5.31 4.72
CA LYS B 43 23.58 -6.05 3.80
C LYS B 43 23.58 -5.41 2.41
N ARG B 44 22.42 -5.41 1.76
CA ARG B 44 22.29 -4.81 0.44
C ARG B 44 22.26 -3.29 0.52
N GLY A 1 -9.51 11.35 8.52
CA GLY A 1 -10.83 10.88 8.16
C GLY A 1 -11.92 11.75 8.76
N CYS A 2 -11.99 11.82 10.09
CA CYS A 2 -12.99 12.62 10.77
C CYS A 2 -14.39 12.11 10.47
N PRO A 3 -15.35 12.48 11.33
CA PRO A 3 -16.75 12.07 11.17
C PRO A 3 -17.42 12.74 9.98
N ALA A 4 -17.21 12.18 8.79
CA ALA A 4 -17.81 12.72 7.57
C ALA A 4 -17.50 11.81 6.38
N GLU A 5 -17.79 10.52 6.53
CA GLU A 5 -17.55 9.55 5.47
C GLU A 5 -18.44 8.33 5.63
N GLN A 6 -18.52 7.83 6.87
CA GLN A 6 -19.33 6.66 7.16
C GLN A 6 -18.83 5.44 6.41
N ARG A 7 -18.12 4.56 7.10
CA ARG A 7 -17.58 3.35 6.49
C ARG A 7 -18.70 2.43 6.04
N ALA A 8 -18.34 1.21 5.66
CA ALA A 8 -19.31 0.22 5.20
C ALA A 8 -18.80 -1.20 5.41
N SER A 9 -19.09 -1.77 6.58
CA SER A 9 -18.65 -3.12 6.90
C SER A 9 -17.13 -3.18 7.03
N PRO A 10 -16.64 -3.98 7.98
CA PRO A 10 -15.21 -4.15 8.22
C PRO A 10 -14.51 -4.91 7.11
N LEU A 11 -15.31 -5.53 6.23
CA LEU A 11 -14.77 -6.29 5.11
C LEU A 11 -14.07 -5.36 4.11
N THR A 12 -14.35 -4.06 4.21
CA THR A 12 -13.76 -3.08 3.32
C THR A 12 -12.30 -2.80 3.71
N SER A 13 -12.04 -2.76 5.02
CA SER A 13 -10.70 -2.49 5.51
C SER A 13 -9.75 -3.64 5.16
N ILE A 14 -10.25 -4.87 5.26
CA ILE A 14 -9.45 -6.04 4.94
C ILE A 14 -8.91 -5.97 3.52
N ILE A 15 -9.75 -5.55 2.59
CA ILE A 15 -9.36 -5.43 1.19
C ILE A 15 -8.15 -4.51 1.03
N SER A 16 -8.20 -3.36 1.70
CA SER A 16 -7.12 -2.39 1.64
C SER A 16 -5.82 -2.99 2.16
N ALA A 17 -5.91 -3.69 3.28
CA ALA A 17 -4.74 -4.32 3.89
C ALA A 17 -4.18 -5.42 2.99
N VAL A 18 -5.05 -6.32 2.55
CA VAL A 18 -4.65 -7.42 1.69
C VAL A 18 -3.90 -6.90 0.45
N VAL A 19 -4.46 -5.88 -0.18
CA VAL A 19 -3.86 -5.30 -1.36
C VAL A 19 -2.51 -4.67 -1.04
N GLY A 20 -2.39 -4.09 0.15
CA GLY A 20 -1.14 -3.48 0.56
C GLY A 20 0.00 -4.48 0.66
N ILE A 21 -0.27 -5.62 1.28
CA ILE A 21 0.74 -6.66 1.44
C ILE A 21 1.04 -7.35 0.11
N LEU A 22 -0.02 -7.64 -0.64
CA LEU A 22 0.12 -8.29 -1.93
C LEU A 22 0.86 -7.39 -2.92
N LEU A 23 0.66 -6.08 -2.79
CA LEU A 23 1.31 -5.11 -3.67
C LEU A 23 2.81 -5.06 -3.40
N VAL A 24 3.17 -4.92 -2.12
CA VAL A 24 4.57 -4.85 -1.72
C VAL A 24 5.33 -6.10 -2.17
N VAL A 25 4.68 -7.25 -2.06
CA VAL A 25 5.29 -8.52 -2.46
C VAL A 25 5.60 -8.54 -3.96
N VAL A 26 4.59 -8.20 -4.76
CA VAL A 26 4.75 -8.18 -6.21
C VAL A 26 5.77 -7.13 -6.63
N LEU A 27 5.56 -5.90 -6.18
CA LEU A 27 6.47 -4.81 -6.52
C LEU A 27 7.88 -5.09 -6.02
N GLY A 28 7.97 -5.79 -4.89
CA GLY A 28 9.27 -6.12 -4.33
C GLY A 28 10.08 -7.03 -5.23
N VAL A 29 9.44 -8.10 -5.72
CA VAL A 29 10.12 -9.05 -6.60
C VAL A 29 10.29 -8.48 -8.00
N VAL A 30 9.33 -7.65 -8.42
CA VAL A 30 9.37 -7.04 -9.74
C VAL A 30 10.47 -5.97 -9.81
N PHE A 31 10.46 -5.05 -8.85
CA PHE A 31 11.45 -3.99 -8.81
C PHE A 31 12.86 -4.55 -8.63
N GLY A 32 12.99 -5.50 -7.71
CA GLY A 32 14.29 -6.11 -7.46
C GLY A 32 14.88 -6.75 -8.70
N ILE A 33 14.08 -7.56 -9.38
CA ILE A 33 14.52 -8.23 -10.60
C ILE A 33 14.71 -7.25 -11.74
N LEU A 34 13.90 -6.18 -11.74
CA LEU A 34 13.97 -5.17 -12.78
C LEU A 34 15.31 -4.44 -12.74
N ILE A 35 15.83 -4.25 -11.53
CA ILE A 35 17.12 -3.58 -11.35
C ILE A 35 18.28 -4.56 -11.48
N LYS A 36 18.06 -5.78 -11.04
CA LYS A 36 19.09 -6.82 -11.11
C LYS A 36 19.54 -7.04 -12.55
N ARG A 37 18.58 -7.17 -13.46
CA ARG A 37 18.88 -7.39 -14.86
C ARG A 37 19.81 -6.30 -15.39
N ARG A 38 19.71 -5.11 -14.79
CA ARG A 38 20.53 -3.98 -15.20
C ARG A 38 22.01 -4.24 -14.91
N GLN A 39 22.27 -5.08 -13.92
CA GLN A 39 23.64 -5.41 -13.53
C GLN A 39 23.69 -6.77 -12.85
N GLN A 40 24.23 -7.76 -13.56
CA GLN A 40 24.34 -9.11 -13.03
C GLN A 40 25.31 -9.16 -11.85
N LYS A 41 24.77 -9.07 -10.64
CA LYS A 41 25.58 -9.10 -9.43
C LYS A 41 25.68 -10.51 -8.88
N ILE A 42 26.91 -10.99 -8.71
CA ILE A 42 27.14 -12.34 -8.19
C ILE A 42 28.27 -12.33 -7.16
N ARG A 43 29.38 -11.71 -7.53
CA ARG A 43 30.55 -11.64 -6.64
C ARG A 43 31.03 -13.04 -6.27
N LYS A 44 32.01 -13.10 -5.38
CA LYS A 44 32.56 -14.37 -4.93
C LYS A 44 33.08 -15.18 -6.11
N GLU B 1 -21.09 -3.37 17.00
CA GLU B 1 -21.76 -2.13 17.37
C GLU B 1 -22.79 -1.74 16.31
N GLY B 2 -23.75 -0.91 16.70
CA GLY B 2 -24.78 -0.46 15.78
C GLY B 2 -24.93 1.04 15.76
N CYS B 3 -23.90 1.73 15.31
CA CYS B 3 -23.93 3.20 15.25
C CYS B 3 -24.73 3.68 14.05
N PRO B 4 -25.17 4.94 14.09
CA PRO B 4 -25.97 5.54 13.02
C PRO B 4 -25.14 5.76 11.75
N THR B 5 -25.74 6.45 10.77
CA THR B 5 -25.07 6.73 9.52
C THR B 5 -25.49 8.08 8.97
N ASN B 6 -24.50 8.96 8.76
CA ASN B 6 -24.77 10.29 8.24
C ASN B 6 -25.05 10.25 6.74
N GLY B 7 -24.06 9.79 5.98
CA GLY B 7 -24.22 9.70 4.54
C GLY B 7 -23.30 8.65 3.92
N PRO B 8 -23.76 7.39 3.91
CA PRO B 8 -23.00 6.27 3.36
C PRO B 8 -22.89 6.34 1.84
N LYS B 9 -22.38 5.28 1.23
CA LYS B 9 -22.23 5.21 -0.21
C LYS B 9 -21.24 6.27 -0.71
N ILE B 10 -20.07 5.82 -1.12
CA ILE B 10 -19.03 6.72 -1.63
C ILE B 10 -18.82 7.88 -0.67
N PRO B 11 -17.93 7.68 0.32
CA PRO B 11 -17.20 6.42 0.47
C PRO B 11 -18.09 5.28 0.94
N SER B 12 -17.65 4.05 0.69
CA SER B 12 -18.42 2.87 1.08
C SER B 12 -17.69 1.59 0.68
N ILE B 13 -17.75 1.26 -0.61
CA ILE B 13 -17.09 0.06 -1.11
C ILE B 13 -15.83 0.41 -1.89
N ALA B 14 -15.71 1.68 -2.29
CA ALA B 14 -14.56 2.14 -3.03
C ALA B 14 -13.39 2.48 -2.10
N THR B 15 -13.72 2.74 -0.83
CA THR B 15 -12.71 3.07 0.16
C THR B 15 -11.60 2.03 0.19
N GLY B 16 -11.95 0.78 -0.13
CA GLY B 16 -10.97 -0.29 -0.14
C GLY B 16 -9.75 0.05 -0.97
N MET B 17 -9.97 0.52 -2.19
CA MET B 17 -8.88 0.88 -3.08
C MET B 17 -8.05 2.02 -2.49
N VAL B 18 -8.72 3.09 -2.08
CA VAL B 18 -8.05 4.24 -1.49
C VAL B 18 -7.20 3.83 -0.30
N GLY B 19 -7.73 2.92 0.52
CA GLY B 19 -7.00 2.46 1.69
C GLY B 19 -5.72 1.75 1.32
N ALA B 20 -5.77 0.89 0.31
CA ALA B 20 -4.60 0.15 -0.14
C ALA B 20 -3.51 1.09 -0.63
N LEU B 21 -3.90 2.05 -1.46
CA LEU B 21 -2.95 3.02 -2.01
C LEU B 21 -2.31 3.84 -0.90
N LEU B 22 -3.11 4.24 0.08
CA LEU B 22 -2.63 5.03 1.20
C LEU B 22 -1.57 4.26 2.00
N LEU B 23 -1.94 3.06 2.44
CA LEU B 23 -1.02 2.22 3.20
C LEU B 23 0.30 2.05 2.47
N LEU B 24 0.23 1.75 1.18
CA LEU B 24 1.42 1.57 0.37
C LEU B 24 2.34 2.78 0.47
N LEU B 25 1.77 3.97 0.34
CA LEU B 25 2.53 5.21 0.41
C LEU B 25 3.06 5.43 1.83
N VAL B 26 2.23 5.12 2.82
CA VAL B 26 2.62 5.29 4.21
C VAL B 26 3.80 4.39 4.57
N VAL B 27 3.69 3.12 4.19
CA VAL B 27 4.75 2.15 4.46
C VAL B 27 6.04 2.51 3.73
N ALA B 28 5.90 2.80 2.44
CA ALA B 28 7.05 3.17 1.62
C ALA B 28 7.81 4.34 2.22
N LEU B 29 7.07 5.27 2.83
CA LEU B 29 7.67 6.45 3.45
C LEU B 29 8.42 6.07 4.72
N GLY B 30 7.82 5.16 5.50
CA GLY B 30 8.45 4.72 6.74
C GLY B 30 9.66 3.85 6.50
N ILE B 31 9.54 2.90 5.58
CA ILE B 31 10.64 1.99 5.25
C ILE B 31 11.77 2.73 4.55
N GLY B 32 11.41 3.68 3.70
CA GLY B 32 12.41 4.46 2.98
C GLY B 32 13.17 5.41 3.87
N LEU B 33 12.45 6.04 4.80
CA LEU B 33 13.06 6.99 5.72
C LEU B 33 13.92 6.28 6.75
N PHE B 34 13.54 5.04 7.07
CA PHE B 34 14.28 4.24 8.05
C PHE B 34 15.50 3.60 7.41
N MET B 35 15.36 3.19 6.15
CA MET B 35 16.44 2.55 5.43
C MET B 35 17.51 3.58 5.02
N ARG B 36 17.07 4.82 4.80
CA ARG B 36 17.96 5.88 4.41
C ARG B 36 18.99 6.17 5.50
N ARG B 37 18.71 5.67 6.70
CA ARG B 37 19.61 5.88 7.83
C ARG B 37 21.02 5.40 7.51
N ARG B 38 21.13 4.47 6.56
CA ARG B 38 22.42 3.94 6.16
C ARG B 38 23.32 5.05 5.64
N HIS B 39 22.72 6.17 5.25
CA HIS B 39 23.48 7.31 4.74
C HIS B 39 22.72 8.62 4.96
N ILE B 40 22.65 9.06 6.21
CA ILE B 40 21.94 10.28 6.56
C ILE B 40 22.75 11.51 6.14
N VAL B 41 22.07 12.50 5.59
CA VAL B 41 22.72 13.73 5.15
C VAL B 41 21.93 14.96 5.58
N ARG B 42 22.28 15.51 6.73
CA ARG B 42 21.61 16.69 7.26
C ARG B 42 22.47 17.41 8.28
N LYS B 43 21.90 18.41 8.95
CA LYS B 43 22.61 19.17 9.96
C LYS B 43 21.66 20.08 10.73
N ARG B 44 21.67 19.96 12.05
CA ARG B 44 20.81 20.78 12.90
C ARG B 44 19.34 20.57 12.54
N GLY A 1 -16.05 13.29 4.65
CA GLY A 1 -17.11 12.38 5.05
C GLY A 1 -17.96 12.92 6.18
N CYS A 2 -18.26 14.22 6.10
CA CYS A 2 -19.07 14.87 7.14
C CYS A 2 -18.35 14.86 8.48
N PRO A 3 -18.67 15.84 9.33
CA PRO A 3 -18.08 15.98 10.65
C PRO A 3 -18.52 14.88 11.61
N ALA A 4 -17.82 13.75 11.57
CA ALA A 4 -18.14 12.62 12.44
C ALA A 4 -17.11 11.51 12.28
N GLU A 5 -16.62 11.32 11.06
CA GLU A 5 -15.63 10.28 10.79
C GLU A 5 -16.20 8.89 11.04
N GLN A 6 -15.60 7.89 10.41
CA GLN A 6 -16.06 6.51 10.57
C GLN A 6 -17.48 6.35 10.04
N ARG A 7 -17.89 5.10 9.84
CA ARG A 7 -19.23 4.81 9.34
C ARG A 7 -19.58 3.34 9.55
N ALA A 8 -19.01 2.48 8.71
CA ALA A 8 -19.27 1.05 8.78
C ALA A 8 -18.41 0.28 7.78
N SER A 9 -18.72 -1.00 7.62
CA SER A 9 -17.98 -1.85 6.69
C SER A 9 -16.52 -1.99 7.14
N PRO A 10 -16.31 -2.69 8.26
CA PRO A 10 -14.98 -2.91 8.82
C PRO A 10 -14.15 -3.86 7.96
N LEU A 11 -14.82 -4.59 7.07
CA LEU A 11 -14.15 -5.53 6.19
C LEU A 11 -13.33 -4.80 5.11
N THR A 12 -13.63 -3.52 4.94
CA THR A 12 -12.93 -2.70 3.95
C THR A 12 -11.54 -2.31 4.44
N SER A 13 -11.40 -2.11 5.75
CA SER A 13 -10.13 -1.74 6.34
C SER A 13 -9.13 -2.90 6.27
N ILE A 14 -9.65 -4.11 6.45
CA ILE A 14 -8.80 -5.30 6.42
C ILE A 14 -8.25 -5.53 5.01
N ILE A 15 -9.13 -5.51 4.02
CA ILE A 15 -8.72 -5.71 2.63
C ILE A 15 -7.67 -4.68 2.21
N SER A 16 -7.91 -3.43 2.57
CA SER A 16 -6.98 -2.35 2.23
C SER A 16 -5.59 -2.63 2.78
N ALA A 17 -5.53 -2.99 4.06
CA ALA A 17 -4.26 -3.29 4.71
C ALA A 17 -3.57 -4.47 4.05
N VAL A 18 -4.31 -5.57 3.86
CA VAL A 18 -3.77 -6.76 3.25
C VAL A 18 -3.13 -6.44 1.89
N VAL A 19 -3.75 -5.52 1.16
CA VAL A 19 -3.23 -5.12 -0.15
C VAL A 19 -1.95 -4.31 -0.02
N GLY A 20 -1.89 -3.47 1.01
CA GLY A 20 -0.72 -2.64 1.23
C GLY A 20 0.52 -3.48 1.52
N ILE A 21 0.38 -4.47 2.39
CA ILE A 21 1.50 -5.34 2.75
C ILE A 21 1.86 -6.27 1.60
N LEU A 22 0.85 -6.81 0.94
CA LEU A 22 1.07 -7.71 -0.19
C LEU A 22 1.71 -6.98 -1.35
N LEU A 23 1.33 -5.72 -1.54
CA LEU A 23 1.88 -4.91 -2.62
C LEU A 23 3.35 -4.60 -2.38
N VAL A 24 3.69 -4.23 -1.15
CA VAL A 24 5.06 -3.91 -0.80
C VAL A 24 5.97 -5.13 -0.98
N VAL A 25 5.44 -6.30 -0.65
CA VAL A 25 6.20 -7.54 -0.78
C VAL A 25 6.55 -7.83 -2.23
N VAL A 26 5.54 -7.80 -3.09
CA VAL A 26 5.74 -8.06 -4.51
C VAL A 26 6.64 -7.01 -5.14
N LEU A 27 6.29 -5.74 -4.96
CA LEU A 27 7.08 -4.63 -5.49
C LEU A 27 8.50 -4.65 -4.94
N GLY A 28 8.63 -5.08 -3.69
CA GLY A 28 9.94 -5.13 -3.06
C GLY A 28 10.87 -6.10 -3.76
N VAL A 29 10.38 -7.31 -4.02
CA VAL A 29 11.18 -8.33 -4.68
C VAL A 29 11.32 -8.04 -6.17
N VAL A 30 10.28 -7.44 -6.75
CA VAL A 30 10.30 -7.11 -8.17
C VAL A 30 11.27 -5.98 -8.46
N PHE A 31 11.13 -4.88 -7.71
CA PHE A 31 12.00 -3.72 -7.89
C PHE A 31 13.46 -4.08 -7.58
N GLY A 32 13.65 -4.82 -6.49
CA GLY A 32 14.99 -5.22 -6.10
C GLY A 32 15.70 -6.00 -7.17
N ILE A 33 15.02 -7.01 -7.71
CA ILE A 33 15.60 -7.85 -8.75
C ILE A 33 15.72 -7.08 -10.07
N LEU A 34 14.87 -6.07 -10.24
CA LEU A 34 14.88 -5.27 -11.45
C LEU A 34 16.13 -4.38 -11.51
N ILE A 35 16.50 -3.83 -10.35
CA ILE A 35 17.68 -2.98 -10.27
C ILE A 35 18.96 -3.79 -10.38
N LYS A 36 19.01 -4.91 -9.66
CA LYS A 36 20.19 -5.78 -9.68
C LYS A 36 20.44 -6.30 -11.09
N ARG A 37 19.38 -6.41 -11.88
CA ARG A 37 19.49 -6.91 -13.25
C ARG A 37 20.44 -6.04 -14.07
N ARG A 38 20.42 -4.74 -13.79
CA ARG A 38 21.27 -3.80 -14.50
C ARG A 38 22.74 -4.06 -14.22
N GLN A 39 23.09 -4.14 -12.94
CA GLN A 39 24.46 -4.38 -12.53
C GLN A 39 24.85 -5.83 -12.79
N GLN A 40 26.13 -6.14 -12.64
CA GLN A 40 26.64 -7.48 -12.87
C GLN A 40 27.94 -7.71 -12.10
N LYS A 41 27.83 -7.80 -10.78
CA LYS A 41 28.99 -8.02 -9.93
C LYS A 41 28.58 -8.64 -8.60
N ILE A 42 29.06 -9.86 -8.34
CA ILE A 42 28.75 -10.56 -7.11
C ILE A 42 29.81 -10.30 -6.04
N ARG A 43 31.02 -10.79 -6.29
CA ARG A 43 32.12 -10.62 -5.35
C ARG A 43 31.76 -11.18 -3.98
N LYS A 44 32.67 -11.02 -3.03
CA LYS A 44 32.46 -11.51 -1.67
C LYS A 44 33.24 -10.67 -0.66
N GLU B 1 -25.76 -10.28 4.95
CA GLU B 1 -26.55 -10.72 6.10
C GLU B 1 -26.54 -9.66 7.20
N GLY B 2 -27.23 -8.55 6.94
CA GLY B 2 -27.29 -7.48 7.92
C GLY B 2 -27.59 -6.13 7.29
N CYS B 3 -27.25 -5.99 6.02
CA CYS B 3 -27.48 -4.74 5.29
C CYS B 3 -28.95 -4.63 4.87
N PRO B 4 -29.38 -3.40 4.58
CA PRO B 4 -30.77 -3.12 4.16
C PRO B 4 -31.06 -3.67 2.76
N THR B 5 -32.26 -3.37 2.27
CA THR B 5 -32.67 -3.84 0.95
C THR B 5 -32.01 -3.02 -0.16
N ASN B 6 -32.25 -1.71 -0.14
CA ASN B 6 -31.69 -0.83 -1.14
C ASN B 6 -30.20 -0.56 -0.86
N GLY B 7 -29.94 0.24 0.17
CA GLY B 7 -28.56 0.56 0.53
C GLY B 7 -28.03 1.74 -0.24
N PRO B 8 -26.84 2.23 0.17
CA PRO B 8 -26.19 3.38 -0.47
C PRO B 8 -25.69 3.05 -1.87
N LYS B 9 -25.04 4.02 -2.51
CA LYS B 9 -24.51 3.84 -3.85
C LYS B 9 -23.22 4.64 -4.04
N ILE B 10 -22.18 4.25 -3.32
CA ILE B 10 -20.90 4.93 -3.41
C ILE B 10 -21.00 6.37 -2.91
N PRO B 11 -20.01 6.79 -2.11
CA PRO B 11 -18.90 5.93 -1.71
C PRO B 11 -19.33 4.82 -0.76
N SER B 12 -18.51 3.78 -0.66
CA SER B 12 -18.82 2.64 0.21
C SER B 12 -17.71 1.60 0.16
N ILE B 13 -17.67 0.84 -0.93
CA ILE B 13 -16.67 -0.19 -1.11
C ILE B 13 -15.38 0.38 -1.69
N ALA B 14 -15.52 1.51 -2.40
CA ALA B 14 -14.36 2.16 -3.01
C ALA B 14 -13.28 2.46 -1.97
N THR B 15 -13.70 2.62 -0.72
CA THR B 15 -12.78 2.91 0.37
C THR B 15 -11.66 1.88 0.42
N GLY B 16 -11.95 0.67 -0.03
CA GLY B 16 -10.95 -0.39 -0.03
C GLY B 16 -9.71 -0.01 -0.80
N MET B 17 -9.89 0.30 -2.08
CA MET B 17 -8.76 0.69 -2.93
C MET B 17 -8.03 1.91 -2.37
N VAL B 18 -8.80 2.91 -1.96
CA VAL B 18 -8.24 4.13 -1.40
C VAL B 18 -7.36 3.81 -0.19
N GLY B 19 -7.83 2.88 0.64
CA GLY B 19 -7.07 2.51 1.83
C GLY B 19 -5.75 1.84 1.49
N ALA B 20 -5.78 0.96 0.50
CA ALA B 20 -4.57 0.25 0.08
C ALA B 20 -3.52 1.21 -0.45
N LEU B 21 -3.97 2.23 -1.18
CA LEU B 21 -3.07 3.23 -1.74
C LEU B 21 -2.39 4.04 -0.65
N LEU B 22 -3.19 4.62 0.25
CA LEU B 22 -2.66 5.40 1.35
C LEU B 22 -1.61 4.63 2.13
N LEU B 23 -1.98 3.44 2.59
CA LEU B 23 -1.08 2.58 3.35
C LEU B 23 0.23 2.36 2.59
N LEU B 24 0.11 2.10 1.29
CA LEU B 24 1.27 1.86 0.46
C LEU B 24 2.25 3.03 0.54
N LEU B 25 1.73 4.24 0.40
CA LEU B 25 2.55 5.44 0.47
C LEU B 25 3.12 5.64 1.87
N VAL B 26 2.30 5.36 2.88
CA VAL B 26 2.73 5.49 4.27
C VAL B 26 3.87 4.54 4.58
N VAL B 27 3.70 3.28 4.22
CA VAL B 27 4.72 2.27 4.47
C VAL B 27 6.00 2.57 3.70
N ALA B 28 5.85 2.88 2.42
CA ALA B 28 6.99 3.20 1.57
C ALA B 28 7.82 4.35 2.16
N LEU B 29 7.13 5.30 2.78
CA LEU B 29 7.80 6.44 3.39
C LEU B 29 8.52 6.04 4.67
N GLY B 30 7.89 5.16 5.44
CA GLY B 30 8.49 4.70 6.69
C GLY B 30 9.67 3.77 6.45
N ILE B 31 9.53 2.87 5.48
CA ILE B 31 10.58 1.92 5.17
C ILE B 31 11.74 2.61 4.44
N GLY B 32 11.41 3.55 3.56
CA GLY B 32 12.43 4.26 2.82
C GLY B 32 13.24 5.18 3.70
N LEU B 33 12.58 5.83 4.64
CA LEU B 33 13.25 6.76 5.56
C LEU B 33 14.12 6.00 6.55
N PHE B 34 13.60 4.87 7.05
CA PHE B 34 14.32 4.05 8.00
C PHE B 34 15.54 3.39 7.36
N MET B 35 15.38 2.98 6.11
CA MET B 35 16.46 2.33 5.37
C MET B 35 17.52 3.36 4.95
N ARG B 36 17.09 4.60 4.75
CA ARG B 36 17.99 5.66 4.35
C ARG B 36 19.11 5.85 5.37
N ARG B 37 18.85 5.40 6.60
CA ARG B 37 19.84 5.52 7.67
C ARG B 37 21.03 4.61 7.43
N ARG B 38 20.82 3.60 6.58
CA ARG B 38 21.89 2.65 6.27
C ARG B 38 21.79 2.21 4.81
N HIS B 39 21.31 3.09 3.95
CA HIS B 39 21.16 2.78 2.53
C HIS B 39 22.52 2.82 1.84
N ILE B 40 23.47 3.52 2.43
CA ILE B 40 24.81 3.63 1.86
C ILE B 40 25.60 2.34 2.07
N VAL B 41 25.22 1.59 3.10
CA VAL B 41 25.90 0.33 3.41
C VAL B 41 25.11 -0.85 2.87
N ARG B 42 25.80 -1.99 2.72
CA ARG B 42 25.16 -3.20 2.21
C ARG B 42 24.28 -3.84 3.27
N LYS B 43 23.15 -3.20 3.57
CA LYS B 43 22.22 -3.71 4.57
C LYS B 43 22.94 -3.98 5.89
N ARG B 44 23.00 -2.96 6.74
CA ARG B 44 23.66 -3.10 8.03
C ARG B 44 25.13 -3.42 7.86
N GLY A 1 -19.41 20.22 -2.84
CA GLY A 1 -19.78 19.60 -1.58
C GLY A 1 -19.63 18.08 -1.62
N CYS A 2 -18.40 17.62 -1.46
CA CYS A 2 -18.13 16.18 -1.48
C CYS A 2 -18.38 15.56 -0.11
N PRO A 3 -18.56 14.24 -0.08
CA PRO A 3 -18.81 13.49 1.16
C PRO A 3 -17.58 13.45 2.07
N ALA A 4 -17.81 13.39 3.37
CA ALA A 4 -16.73 13.34 4.34
C ALA A 4 -16.03 11.99 4.32
N GLU A 5 -16.69 10.98 4.89
CA GLU A 5 -16.13 9.63 4.94
C GLU A 5 -17.18 8.63 5.41
N GLN A 6 -17.89 8.99 6.48
CA GLN A 6 -18.92 8.12 7.04
C GLN A 6 -18.32 6.80 7.50
N ARG A 7 -19.18 5.90 7.96
CA ARG A 7 -18.74 4.59 8.44
C ARG A 7 -18.35 3.69 7.27
N ALA A 8 -17.88 2.48 7.58
CA ALA A 8 -17.49 1.54 6.56
C ALA A 8 -17.23 0.16 7.16
N SER A 9 -17.64 -0.89 6.44
CA SER A 9 -17.46 -2.25 6.90
C SER A 9 -15.99 -2.54 7.17
N PRO A 10 -15.73 -3.41 8.16
CA PRO A 10 -14.37 -3.79 8.54
C PRO A 10 -13.70 -4.67 7.48
N LEU A 11 -14.50 -5.20 6.57
CA LEU A 11 -13.98 -6.04 5.50
C LEU A 11 -13.23 -5.21 4.46
N THR A 12 -13.45 -3.91 4.50
CA THR A 12 -12.78 -3.00 3.55
C THR A 12 -11.34 -2.77 3.94
N SER A 13 -11.07 -2.73 5.24
CA SER A 13 -9.71 -2.51 5.75
C SER A 13 -8.82 -3.71 5.42
N ILE A 14 -9.38 -4.91 5.55
CA ILE A 14 -8.64 -6.13 5.26
C ILE A 14 -8.19 -6.17 3.81
N ILE A 15 -9.12 -5.91 2.90
CA ILE A 15 -8.81 -5.93 1.47
C ILE A 15 -7.73 -4.91 1.13
N SER A 16 -7.85 -3.72 1.70
CA SER A 16 -6.88 -2.65 1.45
C SER A 16 -5.47 -3.11 1.80
N ALA A 17 -5.33 -3.72 2.97
CA ALA A 17 -4.03 -4.21 3.42
C ALA A 17 -3.51 -5.32 2.51
N VAL A 18 -4.36 -6.31 2.26
CA VAL A 18 -3.97 -7.42 1.39
C VAL A 18 -3.45 -6.93 0.05
N VAL A 19 -4.05 -5.86 -0.46
CA VAL A 19 -3.64 -5.29 -1.73
C VAL A 19 -2.28 -4.60 -1.62
N GLY A 20 -2.07 -3.94 -0.48
CA GLY A 20 -0.80 -3.25 -0.27
C GLY A 20 0.38 -4.19 -0.25
N ILE A 21 0.25 -5.30 0.47
CA ILE A 21 1.32 -6.28 0.56
C ILE A 21 1.50 -7.02 -0.76
N LEU A 22 0.38 -7.39 -1.38
CA LEU A 22 0.41 -8.11 -2.65
C LEU A 22 1.00 -7.24 -3.76
N LEU A 23 0.70 -5.94 -3.70
CA LEU A 23 1.20 -5.00 -4.69
C LEU A 23 2.71 -4.84 -4.57
N VAL A 24 3.19 -4.68 -3.34
CA VAL A 24 4.63 -4.52 -3.11
C VAL A 24 5.40 -5.75 -3.57
N VAL A 25 4.82 -6.93 -3.36
CA VAL A 25 5.46 -8.17 -3.77
C VAL A 25 5.64 -8.24 -5.28
N VAL A 26 4.55 -8.01 -6.01
CA VAL A 26 4.58 -8.04 -7.47
C VAL A 26 5.51 -6.97 -8.01
N LEU A 27 5.29 -5.73 -7.59
CA LEU A 27 6.11 -4.61 -8.05
C LEU A 27 7.57 -4.82 -7.66
N GLY A 28 7.79 -5.46 -6.52
CA GLY A 28 9.14 -5.71 -6.05
C GLY A 28 9.92 -6.61 -7.00
N VAL A 29 9.31 -7.73 -7.38
CA VAL A 29 9.94 -8.68 -8.29
C VAL A 29 9.97 -8.14 -9.72
N VAL A 30 8.93 -7.39 -10.09
CA VAL A 30 8.84 -6.82 -11.42
C VAL A 30 9.87 -5.72 -11.62
N PHE A 31 9.90 -4.77 -10.70
CA PHE A 31 10.84 -3.66 -10.77
C PHE A 31 12.28 -4.16 -10.71
N GLY A 32 12.55 -5.05 -9.76
CA GLY A 32 13.89 -5.59 -9.61
C GLY A 32 14.39 -6.25 -10.87
N ILE A 33 13.57 -7.11 -11.46
CA ILE A 33 13.95 -7.82 -12.68
C ILE A 33 13.97 -6.86 -13.87
N LEU A 34 13.20 -5.78 -13.78
CA LEU A 34 13.14 -4.80 -14.85
C LEU A 34 14.44 -4.01 -14.94
N ILE A 35 15.07 -3.78 -13.80
CA ILE A 35 16.32 -3.03 -13.75
C ILE A 35 17.50 -3.94 -14.12
N LYS A 36 17.40 -5.21 -13.75
CA LYS A 36 18.46 -6.18 -14.05
C LYS A 36 18.39 -6.62 -15.51
N ARG A 37 17.18 -6.79 -16.02
CA ARG A 37 16.98 -7.22 -17.41
C ARG A 37 17.35 -6.10 -18.37
N ARG A 38 17.27 -4.86 -17.90
CA ARG A 38 17.60 -3.70 -18.73
C ARG A 38 19.08 -3.71 -19.10
N GLN A 39 19.93 -3.46 -18.12
CA GLN A 39 21.37 -3.43 -18.34
C GLN A 39 21.90 -4.83 -18.61
N GLN A 40 22.00 -5.64 -17.55
CA GLN A 40 22.50 -7.00 -17.67
C GLN A 40 22.07 -7.84 -16.48
N LYS A 41 22.70 -7.62 -15.34
CA LYS A 41 22.38 -8.36 -14.12
C LYS A 41 22.99 -7.68 -12.90
N ILE A 42 22.93 -8.36 -11.76
CA ILE A 42 23.47 -7.81 -10.52
C ILE A 42 24.80 -8.48 -10.16
N ARG A 43 24.95 -9.73 -10.55
CA ARG A 43 26.18 -10.47 -10.27
C ARG A 43 26.42 -10.58 -8.77
N LYS A 44 27.44 -11.34 -8.39
CA LYS A 44 27.78 -11.52 -6.98
C LYS A 44 28.45 -10.28 -6.42
N GLU B 1 -21.20 0.15 18.10
CA GLU B 1 -20.94 -1.12 17.43
C GLU B 1 -22.00 -2.16 17.80
N GLY B 2 -23.06 -2.24 17.00
CA GLY B 2 -24.12 -3.18 17.26
C GLY B 2 -25.28 -3.04 16.30
N CYS B 3 -24.97 -2.80 15.03
CA CYS B 3 -26.00 -2.63 14.01
C CYS B 3 -25.43 -2.90 12.62
N PRO B 4 -26.31 -3.17 11.65
CA PRO B 4 -25.93 -3.45 10.26
C PRO B 4 -25.40 -2.21 9.56
N THR B 5 -24.93 -2.39 8.33
CA THR B 5 -24.40 -1.29 7.54
C THR B 5 -25.50 -0.59 6.76
N ASN B 6 -25.49 0.74 6.79
CA ASN B 6 -26.49 1.52 6.07
C ASN B 6 -25.96 2.92 5.76
N GLY B 7 -25.76 3.20 4.48
CA GLY B 7 -25.26 4.50 4.07
C GLY B 7 -25.54 4.79 2.60
N PRO B 8 -25.27 6.04 2.18
CA PRO B 8 -25.48 6.48 0.80
C PRO B 8 -24.50 5.83 -0.16
N LYS B 9 -24.72 6.04 -1.46
CA LYS B 9 -23.85 5.48 -2.49
C LYS B 9 -22.47 6.12 -2.43
N ILE B 10 -21.54 5.44 -1.77
CA ILE B 10 -20.17 5.93 -1.63
C ILE B 10 -20.13 7.23 -0.84
N PRO B 11 -19.12 7.35 0.03
CA PRO B 11 -18.10 6.31 0.22
C PRO B 11 -18.66 5.07 0.90
N SER B 12 -17.97 3.94 0.74
CA SER B 12 -18.40 2.69 1.33
C SER B 12 -17.45 1.55 0.96
N ILE B 13 -17.57 1.07 -0.28
CA ILE B 13 -16.71 -0.01 -0.76
C ILE B 13 -15.50 0.54 -1.50
N ALA B 14 -15.60 1.78 -1.96
CA ALA B 14 -14.52 2.41 -2.69
C ALA B 14 -13.32 2.66 -1.78
N THR B 15 -13.59 2.79 -0.48
CA THR B 15 -12.53 3.03 0.50
C THR B 15 -11.43 1.98 0.38
N GLY B 16 -11.79 0.79 -0.08
CA GLY B 16 -10.83 -0.28 -0.23
C GLY B 16 -9.64 0.12 -1.08
N MET B 17 -9.93 0.62 -2.28
CA MET B 17 -8.88 1.04 -3.21
C MET B 17 -7.98 2.10 -2.55
N VAL B 18 -8.60 3.14 -2.03
CA VAL B 18 -7.86 4.22 -1.39
C VAL B 18 -7.00 3.69 -0.24
N GLY B 19 -7.56 2.76 0.52
CA GLY B 19 -6.83 2.18 1.63
C GLY B 19 -5.53 1.51 1.20
N ALA B 20 -5.61 0.74 0.11
CA ALA B 20 -4.45 0.04 -0.41
C ALA B 20 -3.38 1.02 -0.89
N LEU B 21 -3.81 2.02 -1.66
CA LEU B 21 -2.89 3.03 -2.18
C LEU B 21 -2.26 3.83 -1.05
N LEU B 22 -3.10 4.41 -0.20
CA LEU B 22 -2.63 5.21 0.92
C LEU B 22 -1.60 4.43 1.75
N LEU B 23 -2.01 3.25 2.23
CA LEU B 23 -1.13 2.41 3.02
C LEU B 23 0.21 2.18 2.32
N LEU B 24 0.14 1.87 1.02
CA LEU B 24 1.34 1.63 0.23
C LEU B 24 2.29 2.82 0.32
N LEU B 25 1.75 4.02 0.14
CA LEU B 25 2.56 5.24 0.21
C LEU B 25 3.07 5.48 1.63
N VAL B 26 2.22 5.20 2.61
CA VAL B 26 2.59 5.38 4.01
C VAL B 26 3.73 4.45 4.40
N VAL B 27 3.61 3.19 4.05
CA VAL B 27 4.63 2.20 4.36
C VAL B 27 5.93 2.50 3.64
N ALA B 28 5.83 2.78 2.34
CA ALA B 28 7.01 3.10 1.54
C ALA B 28 7.79 4.27 2.14
N LEU B 29 7.06 5.23 2.70
CA LEU B 29 7.68 6.40 3.31
C LEU B 29 8.34 6.04 4.63
N GLY B 30 7.69 5.17 5.40
CA GLY B 30 8.23 4.75 6.68
C GLY B 30 9.44 3.84 6.53
N ILE B 31 9.37 2.91 5.58
CA ILE B 31 10.47 1.98 5.34
C ILE B 31 11.64 2.68 4.65
N GLY B 32 11.33 3.57 3.71
CA GLY B 32 12.37 4.29 3.00
C GLY B 32 13.13 5.25 3.89
N LEU B 33 12.41 5.91 4.80
CA LEU B 33 13.01 6.86 5.71
C LEU B 33 13.85 6.14 6.77
N PHE B 34 13.32 5.04 7.30
CA PHE B 34 14.01 4.26 8.31
C PHE B 34 15.28 3.63 7.75
N MET B 35 15.19 3.18 6.49
CA MET B 35 16.34 2.56 5.84
C MET B 35 17.34 3.60 5.38
N ARG B 36 16.85 4.82 5.14
CA ARG B 36 17.71 5.91 4.69
C ARG B 36 18.79 6.20 5.72
N ARG B 37 18.51 5.90 6.98
CA ARG B 37 19.46 6.13 8.06
C ARG B 37 20.67 5.23 7.93
N ARG B 38 20.49 4.08 7.27
CA ARG B 38 21.57 3.13 7.07
C ARG B 38 22.26 2.80 8.39
N HIS B 39 21.49 2.86 9.48
CA HIS B 39 22.02 2.57 10.81
C HIS B 39 23.29 3.37 11.08
N ILE B 40 23.12 4.58 11.58
CA ILE B 40 24.24 5.46 11.88
C ILE B 40 24.93 5.04 13.18
N VAL B 41 24.26 5.31 14.30
CA VAL B 41 24.80 4.97 15.61
C VAL B 41 24.23 3.64 16.10
N ARG B 42 23.01 3.32 15.68
CA ARG B 42 22.37 2.09 16.08
C ARG B 42 21.03 1.91 15.34
N LYS B 43 20.09 2.80 15.62
CA LYS B 43 18.78 2.74 14.98
C LYS B 43 17.97 4.01 15.29
N ARG B 44 17.14 4.42 14.34
CA ARG B 44 16.31 5.60 14.51
C ARG B 44 17.17 6.85 14.67
N GLY A 1 -20.61 12.75 -2.89
CA GLY A 1 -20.13 12.75 -1.51
C GLY A 1 -21.21 13.14 -0.52
N CYS A 2 -20.87 13.13 0.76
CA CYS A 2 -21.82 13.48 1.81
C CYS A 2 -21.09 14.06 3.02
N PRO A 3 -21.84 14.79 3.87
CA PRO A 3 -21.28 15.40 5.08
C PRO A 3 -20.92 14.37 6.14
N ALA A 4 -21.55 13.21 6.07
CA ALA A 4 -21.29 12.13 7.02
C ALA A 4 -19.86 11.63 6.90
N GLU A 5 -19.56 10.53 7.58
CA GLU A 5 -18.22 9.95 7.56
C GLU A 5 -18.25 8.49 8.00
N GLN A 6 -18.58 8.28 9.27
CA GLN A 6 -18.65 6.92 9.82
C GLN A 6 -17.33 6.18 9.62
N ARG A 7 -17.33 4.89 9.90
CA ARG A 7 -16.13 4.07 9.75
C ARG A 7 -16.49 2.59 9.78
N ALA A 8 -17.70 2.26 9.36
CA ALA A 8 -18.16 0.88 9.34
C ALA A 8 -17.51 0.10 8.20
N SER A 9 -17.97 -1.12 7.98
CA SER A 9 -17.43 -1.97 6.93
C SER A 9 -15.96 -2.29 7.19
N PRO A 10 -15.72 -3.15 8.19
CA PRO A 10 -14.37 -3.56 8.57
C PRO A 10 -13.71 -4.45 7.51
N LEU A 11 -14.54 -4.98 6.60
CA LEU A 11 -14.03 -5.85 5.55
C LEU A 11 -13.28 -5.05 4.50
N THR A 12 -13.46 -3.74 4.51
CA THR A 12 -12.79 -2.85 3.56
C THR A 12 -11.32 -2.65 3.94
N SER A 13 -11.06 -2.61 5.24
CA SER A 13 -9.70 -2.42 5.73
C SER A 13 -8.84 -3.63 5.43
N ILE A 14 -9.42 -4.82 5.57
CA ILE A 14 -8.70 -6.06 5.31
C ILE A 14 -8.25 -6.13 3.85
N ILE A 15 -9.18 -5.85 2.94
CA ILE A 15 -8.88 -5.89 1.51
C ILE A 15 -7.79 -4.88 1.15
N SER A 16 -7.91 -3.67 1.68
CA SER A 16 -6.94 -2.62 1.41
C SER A 16 -5.53 -3.09 1.74
N ALA A 17 -5.38 -3.67 2.92
CA ALA A 17 -4.07 -4.16 3.36
C ALA A 17 -3.57 -5.29 2.45
N VAL A 18 -4.44 -6.28 2.23
CA VAL A 18 -4.08 -7.42 1.38
C VAL A 18 -3.59 -6.95 0.02
N VAL A 19 -4.21 -5.89 -0.50
CA VAL A 19 -3.82 -5.34 -1.80
C VAL A 19 -2.46 -4.67 -1.73
N GLY A 20 -2.20 -3.99 -0.61
CA GLY A 20 -0.93 -3.30 -0.44
C GLY A 20 0.25 -4.25 -0.44
N ILE A 21 0.12 -5.34 0.30
CA ILE A 21 1.19 -6.34 0.39
C ILE A 21 1.32 -7.11 -0.92
N LEU A 22 0.18 -7.48 -1.50
CA LEU A 22 0.18 -8.22 -2.76
C LEU A 22 0.75 -7.38 -3.89
N LEU A 23 0.46 -6.08 -3.85
CA LEU A 23 0.94 -5.17 -4.88
C LEU A 23 2.46 -5.01 -4.81
N VAL A 24 2.98 -4.84 -3.60
CA VAL A 24 4.41 -4.68 -3.39
C VAL A 24 5.17 -5.92 -3.86
N VAL A 25 4.58 -7.09 -3.61
CA VAL A 25 5.20 -8.35 -4.00
C VAL A 25 5.33 -8.45 -5.52
N VAL A 26 4.23 -8.22 -6.22
CA VAL A 26 4.22 -8.29 -7.68
C VAL A 26 5.15 -7.23 -8.28
N LEU A 27 4.94 -5.98 -7.88
CA LEU A 27 5.75 -4.88 -8.37
C LEU A 27 7.23 -5.08 -8.01
N GLY A 28 7.47 -5.72 -6.88
CA GLY A 28 8.83 -5.97 -6.45
C GLY A 28 9.58 -6.90 -7.39
N VAL A 29 8.95 -8.01 -7.74
CA VAL A 29 9.55 -8.99 -8.64
C VAL A 29 9.54 -8.48 -10.08
N VAL A 30 8.50 -7.74 -10.43
CA VAL A 30 8.37 -7.19 -11.77
C VAL A 30 9.39 -6.10 -12.04
N PHE A 31 9.42 -5.11 -11.14
CA PHE A 31 10.36 -4.00 -11.27
C PHE A 31 11.80 -4.48 -11.22
N GLY A 32 12.09 -5.36 -10.25
CA GLY A 32 13.44 -5.89 -10.11
C GLY A 32 13.92 -6.59 -11.37
N ILE A 33 13.08 -7.48 -11.90
CA ILE A 33 13.44 -8.21 -13.11
C ILE A 33 13.38 -7.31 -14.34
N LEU A 34 12.57 -6.26 -14.26
CA LEU A 34 12.45 -5.32 -15.37
C LEU A 34 13.71 -4.49 -15.53
N ILE A 35 14.27 -4.05 -14.41
CA ILE A 35 15.49 -3.24 -14.43
C ILE A 35 16.69 -4.08 -14.85
N LYS A 36 16.70 -5.34 -14.45
CA LYS A 36 17.79 -6.25 -14.79
C LYS A 36 17.85 -6.48 -16.30
N ARG A 37 16.69 -6.69 -16.90
CA ARG A 37 16.62 -6.92 -18.34
C ARG A 37 17.03 -5.68 -19.13
N ARG A 38 16.76 -4.51 -18.54
CA ARG A 38 17.10 -3.25 -19.18
C ARG A 38 18.62 -3.06 -19.24
N GLN A 39 19.27 -3.18 -18.10
CA GLN A 39 20.71 -3.02 -18.01
C GLN A 39 21.22 -3.35 -16.61
N GLN A 40 22.19 -4.26 -16.53
CA GLN A 40 22.76 -4.65 -15.24
C GLN A 40 23.49 -3.48 -14.59
N LYS A 41 23.25 -3.29 -13.30
CA LYS A 41 23.89 -2.21 -12.56
C LYS A 41 25.29 -2.61 -12.11
N ILE A 42 26.12 -1.61 -11.78
CA ILE A 42 27.48 -1.87 -11.34
C ILE A 42 27.83 -1.02 -10.12
N ARG A 43 27.38 0.23 -10.13
CA ARG A 43 27.63 1.14 -9.02
C ARG A 43 29.13 1.34 -8.83
N LYS A 44 29.83 1.67 -9.92
CA LYS A 44 31.27 1.90 -9.86
C LYS A 44 31.72 2.80 -11.01
N GLU B 1 -14.04 -19.43 6.51
CA GLU B 1 -14.15 -19.70 5.07
C GLU B 1 -15.54 -19.32 4.55
N GLY B 2 -15.61 -18.99 3.27
CA GLY B 2 -16.88 -18.61 2.68
C GLY B 2 -17.22 -17.15 2.92
N CYS B 3 -17.65 -16.47 1.86
CA CYS B 3 -18.01 -15.06 1.96
C CYS B 3 -18.87 -14.63 0.78
N PRO B 4 -20.13 -15.08 0.78
CA PRO B 4 -21.08 -14.76 -0.29
C PRO B 4 -21.50 -13.29 -0.28
N THR B 5 -20.98 -12.52 -1.22
CA THR B 5 -21.30 -11.10 -1.33
C THR B 5 -22.59 -10.87 -2.10
N ASN B 6 -23.36 -9.88 -1.68
CA ASN B 6 -24.62 -9.57 -2.33
C ASN B 6 -25.12 -8.18 -1.91
N GLY B 7 -25.46 -7.36 -2.90
CA GLY B 7 -25.95 -6.02 -2.60
C GLY B 7 -25.32 -4.97 -3.49
N PRO B 8 -25.48 -3.69 -3.10
CA PRO B 8 -24.93 -2.56 -3.86
C PRO B 8 -23.41 -2.49 -3.77
N LYS B 9 -22.84 -1.42 -4.30
CA LYS B 9 -21.39 -1.23 -4.28
C LYS B 9 -21.04 0.25 -4.31
N ILE B 10 -20.36 0.72 -3.26
CA ILE B 10 -19.96 2.11 -3.18
C ILE B 10 -21.17 3.03 -3.07
N PRO B 11 -21.10 4.01 -2.15
CA PRO B 11 -19.93 4.19 -1.29
C PRO B 11 -19.78 3.08 -0.25
N SER B 12 -18.92 3.30 0.72
CA SER B 12 -18.69 2.31 1.77
C SER B 12 -17.84 1.15 1.26
N ILE B 13 -17.39 1.28 0.01
CA ILE B 13 -16.57 0.25 -0.61
C ILE B 13 -15.35 0.85 -1.29
N ALA B 14 -15.54 1.99 -1.95
CA ALA B 14 -14.46 2.68 -2.65
C ALA B 14 -13.26 2.87 -1.74
N THR B 15 -13.52 3.01 -0.44
CA THR B 15 -12.45 3.20 0.53
C THR B 15 -11.40 2.11 0.42
N GLY B 16 -11.81 0.94 -0.05
CA GLY B 16 -10.89 -0.16 -0.19
C GLY B 16 -9.70 0.19 -1.07
N MET B 17 -9.97 0.69 -2.26
CA MET B 17 -8.91 1.07 -3.20
C MET B 17 -7.99 2.12 -2.58
N VAL B 18 -8.59 3.19 -2.07
CA VAL B 18 -7.82 4.27 -1.44
C VAL B 18 -6.94 3.73 -0.31
N GLY B 19 -7.49 2.80 0.47
CA GLY B 19 -6.73 2.22 1.57
C GLY B 19 -5.49 1.50 1.11
N ALA B 20 -5.61 0.73 0.03
CA ALA B 20 -4.49 -0.02 -0.51
C ALA B 20 -3.40 0.92 -1.01
N LEU B 21 -3.80 1.93 -1.77
CA LEU B 21 -2.85 2.90 -2.31
C LEU B 21 -2.21 3.73 -1.20
N LEU B 22 -3.06 4.31 -0.35
CA LEU B 22 -2.57 5.12 0.76
C LEU B 22 -1.56 4.35 1.60
N LEU B 23 -1.96 3.17 2.07
CA LEU B 23 -1.08 2.33 2.88
C LEU B 23 0.26 2.11 2.19
N LEU B 24 0.21 1.80 0.90
CA LEU B 24 1.42 1.57 0.12
C LEU B 24 2.37 2.76 0.23
N LEU B 25 1.83 3.96 0.05
CA LEU B 25 2.62 5.18 0.12
C LEU B 25 3.11 5.43 1.54
N VAL B 26 2.25 5.15 2.51
CA VAL B 26 2.60 5.33 3.92
C VAL B 26 3.74 4.41 4.33
N VAL B 27 3.63 3.13 3.97
CA VAL B 27 4.65 2.15 4.30
C VAL B 27 5.96 2.47 3.60
N ALA B 28 5.88 2.75 2.31
CA ALA B 28 7.06 3.07 1.51
C ALA B 28 7.83 4.25 2.13
N LEU B 29 7.08 5.21 2.67
CA LEU B 29 7.69 6.38 3.30
C LEU B 29 8.33 6.02 4.63
N GLY B 30 7.67 5.14 5.38
CA GLY B 30 8.20 4.73 6.66
C GLY B 30 9.41 3.83 6.54
N ILE B 31 9.37 2.91 5.58
CA ILE B 31 10.48 1.99 5.36
C ILE B 31 11.66 2.69 4.69
N GLY B 32 11.34 3.58 3.75
CA GLY B 32 12.39 4.30 3.05
C GLY B 32 13.13 5.27 3.96
N LEU B 33 12.39 5.92 4.86
CA LEU B 33 12.99 6.87 5.78
C LEU B 33 13.81 6.16 6.84
N PHE B 34 13.23 5.11 7.42
CA PHE B 34 13.91 4.34 8.45
C PHE B 34 15.21 3.72 7.92
N MET B 35 15.17 3.28 6.67
CA MET B 35 16.33 2.67 6.04
C MET B 35 17.34 3.73 5.61
N ARG B 36 16.85 4.93 5.37
CA ARG B 36 17.71 6.04 4.96
C ARG B 36 18.43 6.64 6.16
N ARG B 37 17.78 6.58 7.32
CA ARG B 37 18.36 7.13 8.54
C ARG B 37 19.68 6.42 8.88
N ARG B 38 19.76 5.15 8.51
CA ARG B 38 20.97 4.37 8.79
C ARG B 38 22.08 4.71 7.80
N HIS B 39 21.71 5.39 6.72
CA HIS B 39 22.67 5.78 5.70
C HIS B 39 23.46 4.57 5.20
N ILE B 40 22.81 3.41 5.19
CA ILE B 40 23.45 2.18 4.74
C ILE B 40 24.65 1.84 5.60
N VAL B 41 24.38 1.34 6.81
CA VAL B 41 25.45 0.96 7.74
C VAL B 41 25.69 -0.54 7.70
N ARG B 42 24.65 -1.30 7.37
CA ARG B 42 24.76 -2.75 7.30
C ARG B 42 23.68 -3.33 6.39
N LYS B 43 23.90 -4.56 5.93
CA LYS B 43 22.94 -5.23 5.05
C LYS B 43 23.18 -6.74 5.05
N ARG B 44 22.14 -7.49 5.39
CA ARG B 44 22.23 -8.95 5.42
C ARG B 44 23.32 -9.40 6.38
N GLY A 1 -17.50 15.50 -3.21
CA GLY A 1 -18.08 15.98 -1.98
C GLY A 1 -18.54 14.85 -1.08
N CYS A 2 -17.82 14.65 0.02
CA CYS A 2 -18.17 13.59 0.97
C CYS A 2 -18.05 14.08 2.41
N PRO A 3 -18.76 13.42 3.33
CA PRO A 3 -18.76 13.78 4.74
C PRO A 3 -17.43 13.46 5.42
N ALA A 4 -17.18 14.08 6.57
CA ALA A 4 -15.94 13.86 7.30
C ALA A 4 -15.76 12.37 7.65
N GLU A 5 -16.73 11.82 8.37
CA GLU A 5 -16.69 10.41 8.76
C GLU A 5 -16.87 9.51 7.54
N GLN A 6 -16.39 8.27 7.66
CA GLN A 6 -16.51 7.30 6.57
C GLN A 6 -16.69 5.89 7.12
N ARG A 7 -17.89 5.58 7.56
CA ARG A 7 -18.19 4.26 8.12
C ARG A 7 -18.25 3.21 7.01
N ALA A 8 -17.85 1.99 7.35
CA ALA A 8 -17.85 0.90 6.38
C ALA A 8 -17.50 -0.42 7.05
N SER A 9 -17.74 -1.53 6.34
CA SER A 9 -17.45 -2.85 6.87
C SER A 9 -15.96 -3.01 7.18
N PRO A 10 -15.65 -3.80 8.22
CA PRO A 10 -14.26 -4.04 8.63
C PRO A 10 -13.50 -4.89 7.62
N LEU A 11 -14.23 -5.54 6.72
CA LEU A 11 -13.62 -6.38 5.70
C LEU A 11 -12.93 -5.55 4.64
N THR A 12 -13.25 -4.26 4.61
CA THR A 12 -12.66 -3.34 3.63
C THR A 12 -11.24 -2.97 4.03
N SER A 13 -11.00 -2.84 5.34
CA SER A 13 -9.69 -2.49 5.84
C SER A 13 -8.69 -3.61 5.60
N ILE A 14 -9.15 -4.84 5.75
CA ILE A 14 -8.29 -6.01 5.54
C ILE A 14 -7.81 -6.09 4.09
N ILE A 15 -8.74 -5.95 3.17
CA ILE A 15 -8.42 -6.01 1.75
C ILE A 15 -7.41 -4.93 1.38
N SER A 16 -7.62 -3.72 1.88
CA SER A 16 -6.73 -2.60 1.61
C SER A 16 -5.30 -2.94 2.01
N ALA A 17 -5.13 -3.44 3.23
CA ALA A 17 -3.82 -3.81 3.74
C ALA A 17 -3.18 -4.91 2.89
N VAL A 18 -3.95 -5.97 2.66
CA VAL A 18 -3.47 -7.10 1.85
C VAL A 18 -2.93 -6.63 0.51
N VAL A 19 -3.60 -5.63 -0.07
CA VAL A 19 -3.19 -5.08 -1.36
C VAL A 19 -1.88 -4.30 -1.23
N GLY A 20 -1.74 -3.58 -0.13
CA GLY A 20 -0.54 -2.79 0.10
C GLY A 20 0.70 -3.64 0.19
N ILE A 21 0.63 -4.72 0.96
CA ILE A 21 1.75 -5.63 1.13
C ILE A 21 2.02 -6.41 -0.15
N LEU A 22 0.96 -6.88 -0.78
CA LEU A 22 1.08 -7.65 -2.02
C LEU A 22 1.65 -6.80 -3.14
N LEU A 23 1.25 -5.52 -3.16
CA LEU A 23 1.73 -4.60 -4.18
C LEU A 23 3.22 -4.32 -4.03
N VAL A 24 3.65 -4.07 -2.79
CA VAL A 24 5.06 -3.80 -2.51
C VAL A 24 5.93 -4.99 -2.90
N VAL A 25 5.43 -6.19 -2.65
CA VAL A 25 6.16 -7.42 -2.98
C VAL A 25 6.39 -7.53 -4.48
N VAL A 26 5.32 -7.42 -5.25
CA VAL A 26 5.40 -7.51 -6.71
C VAL A 26 6.26 -6.39 -7.28
N LEU A 27 5.94 -5.16 -6.93
CA LEU A 27 6.69 -4.00 -7.40
C LEU A 27 8.14 -4.08 -6.96
N GLY A 28 8.37 -4.67 -5.79
CA GLY A 28 9.72 -4.79 -5.28
C GLY A 28 10.59 -5.68 -6.15
N VAL A 29 10.07 -6.85 -6.50
CA VAL A 29 10.81 -7.80 -7.34
C VAL A 29 10.84 -7.33 -8.79
N VAL A 30 9.77 -6.67 -9.22
CA VAL A 30 9.67 -6.18 -10.59
C VAL A 30 10.62 -5.01 -10.82
N PHE A 31 10.52 -4.00 -9.95
CA PHE A 31 11.38 -2.81 -10.06
C PHE A 31 12.84 -3.19 -9.91
N GLY A 32 13.15 -4.01 -8.91
CA GLY A 32 14.51 -4.43 -8.68
C GLY A 32 15.12 -5.12 -9.88
N ILE A 33 14.40 -6.08 -10.44
CA ILE A 33 14.87 -6.81 -11.61
C ILE A 33 14.85 -5.93 -12.86
N LEU A 34 13.99 -4.93 -12.85
CA LEU A 34 13.86 -4.02 -13.98
C LEU A 34 15.07 -3.07 -14.05
N ILE A 35 15.44 -2.51 -12.91
CA ILE A 35 16.57 -1.60 -12.85
C ILE A 35 17.82 -2.23 -13.45
N LYS A 36 17.92 -3.55 -13.34
CA LYS A 36 19.07 -4.28 -13.88
C LYS A 36 18.85 -4.60 -15.36
N ARG A 37 17.61 -4.89 -15.72
CA ARG A 37 17.28 -5.22 -17.10
C ARG A 37 17.78 -4.13 -18.05
N ARG A 38 17.78 -2.89 -17.58
CA ARG A 38 18.22 -1.77 -18.39
C ARG A 38 19.74 -1.80 -18.58
N GLN A 39 20.47 -1.64 -17.49
CA GLN A 39 21.93 -1.65 -17.54
C GLN A 39 22.44 -3.05 -17.88
N GLN A 40 23.06 -3.18 -19.05
CA GLN A 40 23.59 -4.46 -19.49
C GLN A 40 24.90 -4.78 -18.75
N LYS A 41 25.64 -3.74 -18.40
CA LYS A 41 26.91 -3.92 -17.69
C LYS A 41 27.83 -4.87 -18.44
N ILE A 42 28.61 -4.32 -19.37
CA ILE A 42 29.53 -5.13 -20.16
C ILE A 42 30.94 -5.08 -19.57
N ARG A 43 31.02 -4.98 -18.25
CA ARG A 43 32.31 -4.93 -17.57
C ARG A 43 32.80 -6.33 -17.22
N LYS A 44 33.01 -7.15 -18.24
CA LYS A 44 33.48 -8.52 -18.04
C LYS A 44 32.54 -9.28 -17.11
N GLU B 1 -17.40 -9.30 15.28
CA GLU B 1 -18.28 -9.47 16.43
C GLU B 1 -19.62 -8.77 16.20
N GLY B 2 -20.38 -9.29 15.24
CA GLY B 2 -21.68 -8.72 14.94
C GLY B 2 -22.14 -9.02 13.53
N CYS B 3 -22.11 -8.02 12.67
CA CYS B 3 -22.54 -8.19 11.28
C CYS B 3 -21.89 -7.14 10.38
N PRO B 4 -21.85 -7.41 9.07
CA PRO B 4 -21.27 -6.51 8.08
C PRO B 4 -22.09 -5.24 7.90
N THR B 5 -21.63 -4.35 7.02
CA THR B 5 -22.32 -3.10 6.75
C THR B 5 -22.06 -2.62 5.33
N ASN B 6 -22.63 -1.48 4.97
CA ASN B 6 -22.46 -0.91 3.64
C ASN B 6 -22.87 0.56 3.61
N GLY B 7 -21.89 1.44 3.53
CA GLY B 7 -22.18 2.87 3.49
C GLY B 7 -23.19 3.23 2.43
N PRO B 8 -23.68 4.48 2.47
CA PRO B 8 -24.67 4.98 1.51
C PRO B 8 -24.08 5.14 0.11
N LYS B 9 -23.96 4.02 -0.60
CA LYS B 9 -23.42 4.05 -1.96
C LYS B 9 -21.95 4.40 -1.95
N ILE B 10 -21.65 5.68 -1.78
CA ILE B 10 -20.27 6.16 -1.75
C ILE B 10 -20.12 7.39 -0.87
N PRO B 11 -19.08 7.41 -0.03
CA PRO B 11 -18.11 6.31 0.04
C PRO B 11 -18.70 5.05 0.66
N SER B 12 -18.05 3.91 0.43
CA SER B 12 -18.51 2.65 0.97
C SER B 12 -17.54 1.53 0.64
N ILE B 13 -17.55 1.08 -0.62
CA ILE B 13 -16.66 0.03 -1.07
C ILE B 13 -15.38 0.59 -1.67
N ALA B 14 -15.44 1.85 -2.09
CA ALA B 14 -14.28 2.51 -2.68
C ALA B 14 -13.16 2.68 -1.65
N THR B 15 -13.53 2.72 -0.38
CA THR B 15 -12.57 2.87 0.70
C THR B 15 -11.46 1.82 0.60
N GLY B 16 -11.79 0.67 0.02
CA GLY B 16 -10.82 -0.40 -0.12
C GLY B 16 -9.61 0.04 -0.93
N MET B 17 -9.86 0.46 -2.17
CA MET B 17 -8.78 0.90 -3.05
C MET B 17 -8.00 2.05 -2.42
N VAL B 18 -8.71 3.03 -1.89
CA VAL B 18 -8.08 4.18 -1.26
C VAL B 18 -7.14 3.75 -0.14
N GLY B 19 -7.58 2.76 0.64
CA GLY B 19 -6.78 2.27 1.74
C GLY B 19 -5.49 1.62 1.28
N ALA B 20 -5.59 0.83 0.21
CA ALA B 20 -4.43 0.14 -0.34
C ALA B 20 -3.37 1.14 -0.82
N LEU B 21 -3.81 2.10 -1.64
CA LEU B 21 -2.90 3.10 -2.17
C LEU B 21 -2.27 3.92 -1.05
N LEU B 22 -3.12 4.46 -0.17
CA LEU B 22 -2.65 5.27 0.95
C LEU B 22 -1.64 4.49 1.79
N LEU B 23 -2.03 3.30 2.24
CA LEU B 23 -1.15 2.46 3.05
C LEU B 23 0.18 2.23 2.34
N LEU B 24 0.11 1.92 1.05
CA LEU B 24 1.31 1.67 0.26
C LEU B 24 2.27 2.86 0.35
N LEU B 25 1.73 4.06 0.17
CA LEU B 25 2.54 5.27 0.23
C LEU B 25 3.06 5.52 1.64
N VAL B 26 2.22 5.25 2.64
CA VAL B 26 2.58 5.44 4.03
C VAL B 26 3.72 4.50 4.42
N VAL B 27 3.58 3.23 4.08
CA VAL B 27 4.59 2.23 4.39
C VAL B 27 5.90 2.53 3.67
N ALA B 28 5.80 2.80 2.36
CA ALA B 28 6.97 3.11 1.56
C ALA B 28 7.76 4.27 2.14
N LEU B 29 7.04 5.24 2.71
CA LEU B 29 7.68 6.41 3.30
C LEU B 29 8.35 6.05 4.62
N GLY B 30 7.71 5.18 5.39
CA GLY B 30 8.26 4.77 6.67
C GLY B 30 9.45 3.85 6.51
N ILE B 31 9.37 2.92 5.57
CA ILE B 31 10.44 1.97 5.32
C ILE B 31 11.61 2.64 4.61
N GLY B 32 11.30 3.55 3.69
CA GLY B 32 12.34 4.25 2.96
C GLY B 32 13.12 5.21 3.84
N LEU B 33 12.42 5.89 4.74
CA LEU B 33 13.05 6.84 5.65
C LEU B 33 13.88 6.12 6.71
N PHE B 34 13.35 5.00 7.21
CA PHE B 34 14.05 4.22 8.23
C PHE B 34 15.30 3.56 7.64
N MET B 35 15.19 3.11 6.40
CA MET B 35 16.31 2.46 5.73
C MET B 35 17.35 3.48 5.29
N ARG B 36 16.91 4.71 5.04
CA ARG B 36 17.80 5.78 4.62
C ARG B 36 18.95 5.95 5.60
N ARG B 37 18.65 5.77 6.88
CA ARG B 37 19.67 5.91 7.93
C ARG B 37 20.67 4.78 7.85
N ARG B 38 20.22 3.60 7.43
CA ARG B 38 21.08 2.43 7.32
C ARG B 38 22.05 2.59 6.15
N HIS B 39 21.76 3.53 5.26
CA HIS B 39 22.60 3.79 4.10
C HIS B 39 22.64 2.56 3.19
N ILE B 40 21.49 2.22 2.61
CA ILE B 40 21.39 1.08 1.72
C ILE B 40 20.37 1.32 0.62
N VAL B 41 20.86 1.48 -0.61
CA VAL B 41 19.99 1.72 -1.75
C VAL B 41 20.49 0.99 -2.99
N ARG B 42 19.56 0.61 -3.86
CA ARG B 42 19.91 -0.10 -5.09
C ARG B 42 20.57 0.83 -6.09
N LYS B 43 21.73 0.42 -6.60
CA LYS B 43 22.46 1.21 -7.58
C LYS B 43 23.49 0.36 -8.32
N ARG B 44 23.01 -0.73 -8.92
CA ARG B 44 23.88 -1.63 -9.66
C ARG B 44 23.17 -2.15 -10.91
N GLY A 1 -18.07 15.23 -6.02
CA GLY A 1 -18.23 14.40 -4.83
C GLY A 1 -19.13 15.04 -3.80
N CYS A 2 -19.54 14.26 -2.80
CA CYS A 2 -20.41 14.75 -1.74
C CYS A 2 -19.71 14.69 -0.39
N PRO A 3 -20.22 15.46 0.57
CA PRO A 3 -19.65 15.51 1.93
C PRO A 3 -19.89 14.23 2.70
N ALA A 4 -20.83 13.41 2.22
CA ALA A 4 -21.16 12.15 2.87
C ALA A 4 -19.92 11.26 3.01
N GLU A 5 -19.73 10.70 4.20
CA GLU A 5 -18.58 9.84 4.46
C GLU A 5 -18.72 9.14 5.80
N GLN A 6 -19.69 8.24 5.89
CA GLN A 6 -19.93 7.50 7.13
C GLN A 6 -18.99 6.30 7.24
N ARG A 7 -19.00 5.65 8.39
CA ARG A 7 -18.14 4.49 8.63
C ARG A 7 -18.63 3.28 7.84
N ALA A 8 -17.95 3.00 6.74
CA ALA A 8 -18.30 1.87 5.88
C ALA A 8 -18.10 0.55 6.62
N SER A 9 -18.34 -0.56 5.91
CA SER A 9 -18.19 -1.88 6.50
C SER A 9 -16.74 -2.14 6.90
N PRO A 10 -16.54 -2.92 7.98
CA PRO A 10 -15.21 -3.26 8.48
C PRO A 10 -14.46 -4.20 7.55
N LEU A 11 -15.19 -4.81 6.63
CA LEU A 11 -14.59 -5.75 5.67
C LEU A 11 -13.77 -4.99 4.62
N THR A 12 -13.99 -3.68 4.53
CA THR A 12 -13.28 -2.85 3.58
C THR A 12 -11.86 -2.58 4.04
N SER A 13 -11.69 -2.43 5.35
CA SER A 13 -10.38 -2.15 5.92
C SER A 13 -9.46 -3.36 5.77
N ILE A 14 -10.02 -4.55 5.91
CA ILE A 14 -9.24 -5.78 5.78
C ILE A 14 -8.70 -5.95 4.37
N ILE A 15 -9.59 -5.80 3.39
CA ILE A 15 -9.20 -5.93 1.99
C ILE A 15 -8.07 -4.97 1.63
N SER A 16 -8.18 -3.73 2.13
CA SER A 16 -7.17 -2.71 1.87
C SER A 16 -5.80 -3.16 2.38
N ALA A 17 -5.76 -3.59 3.63
CA ALA A 17 -4.52 -4.04 4.24
C ALA A 17 -3.93 -5.23 3.47
N VAL A 18 -4.76 -6.22 3.20
CA VAL A 18 -4.33 -7.40 2.47
C VAL A 18 -3.65 -7.02 1.16
N VAL A 19 -4.18 -5.99 0.50
CA VAL A 19 -3.63 -5.53 -0.76
C VAL A 19 -2.28 -4.86 -0.56
N GLY A 20 -2.14 -4.12 0.54
CA GLY A 20 -0.90 -3.43 0.83
C GLY A 20 0.25 -4.39 1.04
N ILE A 21 0.02 -5.44 1.82
CA ILE A 21 1.04 -6.43 2.11
C ILE A 21 1.33 -7.29 0.88
N LEU A 22 0.28 -7.68 0.17
CA LEU A 22 0.42 -8.49 -1.03
C LEU A 22 1.14 -7.72 -2.13
N LEU A 23 0.87 -6.42 -2.21
CA LEU A 23 1.50 -5.57 -3.22
C LEU A 23 3.00 -5.43 -2.95
N VAL A 24 3.36 -5.18 -1.70
CA VAL A 24 4.75 -5.04 -1.31
C VAL A 24 5.54 -6.30 -1.60
N VAL A 25 4.91 -7.45 -1.38
CA VAL A 25 5.56 -8.74 -1.61
C VAL A 25 5.88 -8.93 -3.08
N VAL A 26 4.88 -8.73 -3.94
CA VAL A 26 5.07 -8.88 -5.38
C VAL A 26 6.07 -7.86 -5.91
N LEU A 27 5.83 -6.59 -5.61
CA LEU A 27 6.72 -5.52 -6.06
C LEU A 27 8.13 -5.72 -5.50
N GLY A 28 8.22 -6.28 -4.30
CA GLY A 28 9.51 -6.51 -3.69
C GLY A 28 10.36 -7.50 -4.46
N VAL A 29 9.76 -8.62 -4.84
CA VAL A 29 10.47 -9.66 -5.59
C VAL A 29 10.65 -9.25 -7.04
N VAL A 30 9.68 -8.50 -7.57
CA VAL A 30 9.73 -8.04 -8.95
C VAL A 30 10.80 -6.96 -9.12
N PHE A 31 10.73 -5.92 -8.31
CA PHE A 31 11.69 -4.83 -8.37
C PHE A 31 13.11 -5.33 -8.08
N GLY A 32 13.23 -6.17 -7.06
CA GLY A 32 14.53 -6.70 -6.69
C GLY A 32 15.18 -7.47 -7.83
N ILE A 33 14.43 -8.38 -8.44
CA ILE A 33 14.94 -9.18 -9.54
C ILE A 33 15.13 -8.33 -10.80
N LEU A 34 14.36 -7.25 -10.90
CA LEU A 34 14.44 -6.36 -12.04
C LEU A 34 15.75 -5.59 -12.04
N ILE A 35 16.18 -5.17 -10.85
CA ILE A 35 17.42 -4.42 -10.71
C ILE A 35 18.63 -5.33 -10.88
N LYS A 36 18.52 -6.56 -10.39
CA LYS A 36 19.61 -7.53 -10.49
C LYS A 36 19.88 -7.90 -11.95
N ARG A 37 18.81 -8.00 -12.73
CA ARG A 37 18.93 -8.34 -14.14
C ARG A 37 19.92 -7.42 -14.84
N ARG A 38 19.93 -6.16 -14.43
CA ARG A 38 20.82 -5.16 -15.01
C ARG A 38 22.26 -5.42 -14.59
N GLN A 39 22.49 -5.47 -13.28
CA GLN A 39 23.83 -5.70 -12.75
C GLN A 39 24.24 -7.16 -12.93
N GLN A 40 25.45 -7.49 -12.49
CA GLN A 40 25.97 -8.84 -12.61
C GLN A 40 27.09 -9.09 -11.60
N LYS A 41 27.42 -10.36 -11.40
CA LYS A 41 28.48 -10.73 -10.46
C LYS A 41 28.11 -10.33 -9.04
N ILE A 42 28.86 -10.83 -8.07
CA ILE A 42 28.62 -10.52 -6.66
C ILE A 42 27.21 -10.93 -6.25
N ARG A 43 26.96 -12.23 -6.22
CA ARG A 43 25.65 -12.76 -5.83
C ARG A 43 25.61 -13.09 -4.34
N LYS A 44 25.53 -12.05 -3.52
CA LYS A 44 25.47 -12.23 -2.07
C LYS A 44 26.69 -13.01 -1.58
N GLU B 1 -38.01 -0.65 14.13
CA GLU B 1 -38.69 -1.26 13.00
C GLU B 1 -38.65 -0.35 11.78
N GLY B 2 -38.64 -0.94 10.60
CA GLY B 2 -38.61 -0.16 9.38
C GLY B 2 -37.20 0.00 8.83
N CYS B 3 -36.75 -0.97 8.06
CA CYS B 3 -35.41 -0.94 7.47
C CYS B 3 -35.36 0.01 6.27
N PRO B 4 -34.15 0.44 5.91
CA PRO B 4 -33.94 1.35 4.79
C PRO B 4 -34.21 0.68 3.44
N THR B 5 -34.16 1.47 2.37
CA THR B 5 -34.39 0.95 1.03
C THR B 5 -33.53 1.68 0.00
N ASN B 6 -32.35 2.10 0.43
CA ASN B 6 -31.43 2.80 -0.46
C ASN B 6 -30.01 2.80 0.10
N GLY B 7 -29.03 2.96 -0.77
CA GLY B 7 -27.64 2.97 -0.34
C GLY B 7 -27.01 4.34 -0.46
N PRO B 8 -25.79 4.49 0.06
CA PRO B 8 -25.05 5.76 0.02
C PRO B 8 -24.59 6.12 -1.39
N LYS B 9 -24.55 5.12 -2.26
CA LYS B 9 -24.14 5.34 -3.64
C LYS B 9 -22.78 6.03 -3.71
N ILE B 10 -21.80 5.47 -3.02
CA ILE B 10 -20.46 6.04 -2.99
C ILE B 10 -20.45 7.41 -2.32
N PRO B 11 -19.46 7.63 -1.44
CA PRO B 11 -18.43 6.63 -1.13
C PRO B 11 -18.98 5.45 -0.35
N SER B 12 -18.26 4.33 -0.37
CA SER B 12 -18.68 3.13 0.34
C SER B 12 -17.66 2.01 0.17
N ILE B 13 -17.67 1.39 -1.01
CA ILE B 13 -16.74 0.30 -1.31
C ILE B 13 -15.40 0.84 -1.80
N ALA B 14 -15.43 2.04 -2.37
CA ALA B 14 -14.21 2.67 -2.88
C ALA B 14 -13.14 2.75 -1.80
N THR B 15 -13.58 2.79 -0.54
CA THR B 15 -12.66 2.87 0.58
C THR B 15 -11.59 1.79 0.51
N GLY B 16 -11.95 0.66 -0.09
CA GLY B 16 -11.01 -0.44 -0.21
C GLY B 16 -9.77 -0.05 -0.98
N MET B 17 -9.95 0.38 -2.23
CA MET B 17 -8.82 0.77 -3.07
C MET B 17 -8.03 1.90 -2.41
N VAL B 18 -8.74 2.91 -1.93
CA VAL B 18 -8.10 4.05 -1.28
C VAL B 18 -7.25 3.60 -0.10
N GLY B 19 -7.76 2.64 0.66
CA GLY B 19 -7.04 2.13 1.81
C GLY B 19 -5.74 1.46 1.43
N ALA B 20 -5.79 0.64 0.38
CA ALA B 20 -4.60 -0.08 -0.08
C ALA B 20 -3.53 0.89 -0.55
N LEU B 21 -3.93 1.91 -1.29
CA LEU B 21 -2.99 2.91 -1.79
C LEU B 21 -2.37 3.70 -0.64
N LEU B 22 -3.22 4.18 0.26
CA LEU B 22 -2.75 4.95 1.41
C LEU B 22 -1.67 4.20 2.17
N LEU B 23 -1.97 2.97 2.58
CA LEU B 23 -1.02 2.15 3.31
C LEU B 23 0.29 2.02 2.55
N LEU B 24 0.19 1.78 1.24
CA LEU B 24 1.37 1.64 0.40
C LEU B 24 2.27 2.86 0.52
N LEU B 25 1.68 4.05 0.45
CA LEU B 25 2.43 5.29 0.55
C LEU B 25 3.00 5.46 1.95
N VAL B 26 2.19 5.12 2.96
CA VAL B 26 2.62 5.23 4.34
C VAL B 26 3.80 4.32 4.64
N VAL B 27 3.70 3.07 4.22
CA VAL B 27 4.77 2.10 4.43
C VAL B 27 6.03 2.49 3.67
N ALA B 28 5.86 2.83 2.40
CA ALA B 28 6.99 3.24 1.56
C ALA B 28 7.76 4.41 2.18
N LEU B 29 7.02 5.30 2.84
CA LEU B 29 7.63 6.45 3.49
C LEU B 29 8.38 6.05 4.75
N GLY B 30 7.81 5.11 5.50
CA GLY B 30 8.45 4.64 6.71
C GLY B 30 9.66 3.78 6.44
N ILE B 31 9.56 2.91 5.45
CA ILE B 31 10.65 2.03 5.10
C ILE B 31 11.77 2.78 4.39
N GLY B 32 11.39 3.74 3.55
CA GLY B 32 12.36 4.53 2.82
C GLY B 32 13.14 5.47 3.73
N LEU B 33 12.44 6.06 4.70
CA LEU B 33 13.07 6.98 5.64
C LEU B 33 13.98 6.23 6.61
N PHE B 34 13.54 5.06 7.04
CA PHE B 34 14.32 4.25 7.97
C PHE B 34 15.57 3.69 7.29
N MET B 35 15.44 3.33 6.02
CA MET B 35 16.55 2.78 5.26
C MET B 35 17.56 3.87 4.92
N ARG B 36 17.07 5.07 4.67
CA ARG B 36 17.93 6.20 4.34
C ARG B 36 18.90 6.50 5.48
N ARG B 37 18.56 6.04 6.67
CA ARG B 37 19.39 6.27 7.84
C ARG B 37 20.71 5.50 7.73
N ARG B 38 20.76 4.58 6.78
CA ARG B 38 21.97 3.79 6.55
C ARG B 38 22.93 4.49 5.61
N HIS B 39 22.38 5.08 4.54
CA HIS B 39 23.19 5.79 3.56
C HIS B 39 22.32 6.36 2.45
N ILE B 40 21.87 5.50 1.56
CA ILE B 40 21.02 5.92 0.45
C ILE B 40 19.99 4.85 0.11
N VAL B 41 18.75 5.28 -0.10
CA VAL B 41 17.67 4.35 -0.43
C VAL B 41 17.51 4.22 -1.94
N ARG B 42 18.18 3.23 -2.50
CA ARG B 42 18.12 2.98 -3.94
C ARG B 42 18.79 1.66 -4.31
N LYS B 43 19.99 1.45 -3.78
CA LYS B 43 20.73 0.23 -4.06
C LYS B 43 20.03 -0.98 -3.45
N ARG B 44 19.52 -0.82 -2.23
CA ARG B 44 18.82 -1.90 -1.54
C ARG B 44 17.31 -1.79 -1.77
N GLY A 1 -28.88 1.68 11.61
CA GLY A 1 -28.47 1.36 10.26
C GLY A 1 -29.42 0.39 9.59
N CYS A 2 -29.29 0.28 8.26
CA CYS A 2 -30.15 -0.63 7.50
C CYS A 2 -29.43 -1.94 7.20
N PRO A 3 -30.20 -2.98 6.87
CA PRO A 3 -29.66 -4.31 6.56
C PRO A 3 -28.90 -4.33 5.25
N ALA A 4 -27.59 -4.09 5.31
CA ALA A 4 -26.75 -4.09 4.12
C ALA A 4 -25.28 -4.12 4.48
N GLU A 5 -24.42 -3.96 3.48
CA GLU A 5 -22.98 -3.97 3.70
C GLU A 5 -22.25 -3.21 2.59
N GLN A 6 -22.77 -2.05 2.25
CA GLN A 6 -22.18 -1.22 1.20
C GLN A 6 -20.93 -0.50 1.71
N ARG A 7 -20.82 -0.39 3.03
CA ARG A 7 -19.69 0.27 3.65
C ARG A 7 -19.62 -0.04 5.14
N ALA A 8 -19.10 -1.22 5.47
CA ALA A 8 -18.98 -1.63 6.87
C ALA A 8 -18.24 -2.97 6.98
N SER A 9 -18.26 -3.55 8.17
CA SER A 9 -17.59 -4.82 8.41
C SER A 9 -16.08 -4.67 8.30
N PRO A 10 -15.35 -5.39 9.17
CA PRO A 10 -13.88 -5.35 9.19
C PRO A 10 -13.27 -6.03 7.97
N LEU A 11 -14.09 -6.74 7.21
CA LEU A 11 -13.63 -7.43 6.02
C LEU A 11 -13.23 -6.44 4.93
N THR A 12 -13.67 -5.19 5.09
CA THR A 12 -13.36 -4.15 4.13
C THR A 12 -11.92 -3.66 4.29
N SER A 13 -11.48 -3.58 5.54
CA SER A 13 -10.12 -3.12 5.84
C SER A 13 -9.09 -4.12 5.32
N ILE A 14 -9.38 -5.41 5.49
CA ILE A 14 -8.47 -6.46 5.05
C ILE A 14 -8.17 -6.34 3.57
N ILE A 15 -9.20 -6.01 2.78
CA ILE A 15 -9.04 -5.85 1.34
C ILE A 15 -8.00 -4.79 1.02
N SER A 16 -8.03 -3.69 1.76
CA SER A 16 -7.09 -2.59 1.55
C SER A 16 -5.67 -3.03 1.89
N ALA A 17 -5.53 -3.77 2.99
CA ALA A 17 -4.23 -4.25 3.43
C ALA A 17 -3.66 -5.27 2.45
N VAL A 18 -4.46 -6.28 2.11
CA VAL A 18 -4.04 -7.32 1.18
C VAL A 18 -3.51 -6.71 -0.12
N VAL A 19 -4.27 -5.75 -0.65
CA VAL A 19 -3.88 -5.09 -1.90
C VAL A 19 -2.59 -4.30 -1.73
N GLY A 20 -2.42 -3.70 -0.55
CA GLY A 20 -1.23 -2.92 -0.27
C GLY A 20 0.04 -3.75 -0.34
N ILE A 21 0.01 -4.92 0.29
CA ILE A 21 1.15 -5.82 0.30
C ILE A 21 1.39 -6.43 -1.08
N LEU A 22 0.30 -6.85 -1.72
CA LEU A 22 0.39 -7.46 -3.05
C LEU A 22 0.89 -6.45 -4.08
N LEU A 23 0.48 -5.19 -3.92
CA LEU A 23 0.88 -4.12 -4.82
C LEU A 23 2.37 -3.84 -4.70
N VAL A 24 2.86 -3.75 -3.47
CA VAL A 24 4.26 -3.49 -3.21
C VAL A 24 5.15 -4.60 -3.77
N VAL A 25 4.66 -5.83 -3.68
CA VAL A 25 5.40 -6.98 -4.19
C VAL A 25 5.57 -6.91 -5.70
N VAL A 26 4.46 -6.70 -6.41
CA VAL A 26 4.49 -6.61 -7.87
C VAL A 26 5.31 -5.42 -8.32
N LEU A 27 4.99 -4.24 -7.81
CA LEU A 27 5.70 -3.02 -8.16
C LEU A 27 7.18 -3.13 -7.80
N GLY A 28 7.47 -3.77 -6.67
CA GLY A 28 8.84 -3.94 -6.23
C GLY A 28 9.68 -4.68 -7.25
N VAL A 29 9.19 -5.83 -7.69
CA VAL A 29 9.91 -6.65 -8.67
C VAL A 29 9.90 -5.99 -10.04
N VAL A 30 8.78 -5.39 -10.40
CA VAL A 30 8.64 -4.71 -11.69
C VAL A 30 9.62 -3.54 -11.80
N PHE A 31 9.58 -2.65 -10.82
CA PHE A 31 10.45 -1.48 -10.80
C PHE A 31 11.92 -1.91 -10.75
N GLY A 32 12.20 -2.94 -9.96
CA GLY A 32 13.56 -3.43 -9.83
C GLY A 32 14.17 -3.78 -11.16
N ILE A 33 13.45 -4.57 -11.96
CA ILE A 33 13.93 -4.99 -13.27
C ILE A 33 14.09 -3.80 -14.19
N LEU A 34 13.08 -2.93 -14.23
CA LEU A 34 13.12 -1.74 -15.08
C LEU A 34 14.34 -0.89 -14.78
N ILE A 35 14.55 -0.61 -13.49
CA ILE A 35 15.68 0.20 -13.07
C ILE A 35 17.01 -0.42 -13.54
N LYS A 36 17.03 -1.74 -13.63
CA LYS A 36 18.22 -2.46 -14.08
C LYS A 36 18.29 -2.52 -15.59
N ARG A 37 17.14 -2.38 -16.24
CA ARG A 37 17.06 -2.43 -17.69
C ARG A 37 17.75 -1.21 -18.31
N ARG A 38 17.74 -0.11 -17.58
CA ARG A 38 18.37 1.13 -18.06
C ARG A 38 19.87 0.95 -18.21
N GLN A 39 20.44 0.01 -17.46
CA GLN A 39 21.87 -0.25 -17.51
C GLN A 39 22.28 -0.80 -18.87
N GLN A 40 21.94 -2.06 -19.12
CA GLN A 40 22.28 -2.71 -20.39
C GLN A 40 21.49 -4.00 -20.56
N LYS A 41 21.47 -4.81 -19.51
CA LYS A 41 20.75 -6.09 -19.54
C LYS A 41 19.25 -5.86 -19.44
N ILE A 42 18.49 -6.96 -19.42
CA ILE A 42 17.04 -6.89 -19.33
C ILE A 42 16.50 -7.88 -18.30
N ARG A 43 17.11 -9.06 -18.25
CA ARG A 43 16.69 -10.10 -17.32
C ARG A 43 15.20 -10.39 -17.47
N LYS A 44 14.87 -11.26 -18.41
CA LYS A 44 13.49 -11.63 -18.66
C LYS A 44 12.99 -12.61 -17.60
N GLU B 1 -24.78 9.33 8.18
CA GLU B 1 -25.12 7.99 8.62
C GLU B 1 -26.63 7.81 8.66
N GLY B 2 -27.31 8.33 7.65
CA GLY B 2 -28.76 8.21 7.59
C GLY B 2 -29.30 8.39 6.18
N CYS B 3 -29.70 7.27 5.57
CA CYS B 3 -30.24 7.31 4.21
C CYS B 3 -31.16 6.12 3.97
N PRO B 4 -32.01 6.23 2.93
CA PRO B 4 -32.96 5.17 2.56
C PRO B 4 -32.26 3.95 1.98
N THR B 5 -33.05 2.96 1.59
CA THR B 5 -32.51 1.73 1.01
C THR B 5 -32.07 1.95 -0.43
N ASN B 6 -30.77 1.95 -0.67
CA ASN B 6 -30.22 2.14 -2.01
C ASN B 6 -28.83 1.54 -2.12
N GLY B 7 -28.40 1.28 -3.36
CA GLY B 7 -27.09 0.71 -3.58
C GLY B 7 -25.97 1.67 -3.21
N PRO B 8 -24.72 1.20 -3.33
CA PRO B 8 -23.54 2.00 -3.01
C PRO B 8 -23.32 3.14 -4.01
N LYS B 9 -23.77 4.33 -3.66
CA LYS B 9 -23.62 5.49 -4.52
C LYS B 9 -22.22 6.09 -4.39
N ILE B 10 -21.41 5.49 -3.53
CA ILE B 10 -20.04 5.96 -3.32
C ILE B 10 -20.03 7.37 -2.72
N PRO B 11 -19.11 7.60 -1.77
CA PRO B 11 -18.17 6.57 -1.32
C PRO B 11 -18.86 5.47 -0.51
N SER B 12 -18.22 4.31 -0.44
CA SER B 12 -18.77 3.17 0.30
C SER B 12 -17.83 1.97 0.21
N ILE B 13 -17.84 1.31 -0.94
CA ILE B 13 -16.99 0.14 -1.15
C ILE B 13 -15.66 0.54 -1.79
N ALA B 14 -15.62 1.72 -2.38
CA ALA B 14 -14.41 2.22 -3.02
C ALA B 14 -13.31 2.47 -2.00
N THR B 15 -13.70 2.64 -0.74
CA THR B 15 -12.75 2.90 0.33
C THR B 15 -11.64 1.86 0.34
N GLY B 16 -11.96 0.65 -0.11
CA GLY B 16 -10.97 -0.42 -0.16
C GLY B 16 -9.73 -0.02 -0.94
N MET B 17 -9.93 0.42 -2.17
CA MET B 17 -8.81 0.83 -3.02
C MET B 17 -8.02 1.96 -2.37
N VAL B 18 -8.72 3.01 -1.94
CA VAL B 18 -8.08 4.16 -1.29
C VAL B 18 -7.24 3.70 -0.10
N GLY B 19 -7.77 2.76 0.67
CA GLY B 19 -7.07 2.27 1.84
C GLY B 19 -5.76 1.59 1.47
N ALA B 20 -5.78 0.79 0.40
CA ALA B 20 -4.59 0.09 -0.05
C ALA B 20 -3.50 1.06 -0.48
N LEU B 21 -3.89 2.06 -1.27
CA LEU B 21 -2.94 3.06 -1.76
C LEU B 21 -2.33 3.84 -0.60
N LEU B 22 -3.18 4.28 0.32
CA LEU B 22 -2.73 5.04 1.48
C LEU B 22 -1.65 4.27 2.24
N LEU B 23 -1.95 3.03 2.60
CA LEU B 23 -1.01 2.20 3.33
C LEU B 23 0.31 2.05 2.56
N LEU B 24 0.20 1.82 1.26
CA LEU B 24 1.38 1.66 0.40
C LEU B 24 2.29 2.87 0.52
N LEU B 25 1.71 4.06 0.44
CA LEU B 25 2.47 5.30 0.55
C LEU B 25 3.04 5.48 1.95
N VAL B 26 2.24 5.13 2.96
CA VAL B 26 2.67 5.25 4.34
C VAL B 26 3.85 4.34 4.63
N VAL B 27 3.74 3.08 4.22
CA VAL B 27 4.80 2.11 4.43
C VAL B 27 6.06 2.49 3.66
N ALA B 28 5.89 2.84 2.39
CA ALA B 28 7.02 3.23 1.56
C ALA B 28 7.80 4.39 2.18
N LEU B 29 7.07 5.30 2.83
CA LEU B 29 7.68 6.45 3.47
C LEU B 29 8.44 6.04 4.73
N GLY B 30 7.85 5.10 5.48
CA GLY B 30 8.48 4.64 6.71
C GLY B 30 9.69 3.77 6.44
N ILE B 31 9.59 2.90 5.44
CA ILE B 31 10.69 2.00 5.09
C ILE B 31 11.80 2.76 4.39
N GLY B 32 11.42 3.71 3.54
CA GLY B 32 12.41 4.50 2.82
C GLY B 32 13.21 5.41 3.73
N LEU B 33 12.52 6.03 4.68
CA LEU B 33 13.16 6.93 5.62
C LEU B 33 14.07 6.17 6.58
N PHE B 34 13.58 5.03 7.07
CA PHE B 34 14.34 4.21 8.00
C PHE B 34 15.57 3.63 7.33
N MET B 35 15.44 3.26 6.05
CA MET B 35 16.54 2.70 5.29
C MET B 35 17.54 3.79 4.90
N ARG B 36 17.05 5.01 4.79
CA ARG B 36 17.91 6.14 4.43
C ARG B 36 18.67 6.67 5.64
N ARG B 37 18.21 6.29 6.82
CA ARG B 37 18.85 6.73 8.06
C ARG B 37 20.33 6.40 8.06
N ARG B 38 20.70 5.36 7.31
CA ARG B 38 22.10 4.94 7.23
C ARG B 38 22.42 4.42 5.83
N HIS B 39 21.56 4.74 4.87
CA HIS B 39 21.76 4.31 3.49
C HIS B 39 21.98 2.80 3.42
N ILE B 40 21.17 2.06 4.17
CA ILE B 40 21.29 0.61 4.19
C ILE B 40 20.70 -0.01 2.93
N VAL B 41 21.45 -0.93 2.33
CA VAL B 41 21.00 -1.60 1.11
C VAL B 41 20.49 -3.00 1.41
N ARG B 42 19.57 -3.48 0.58
CA ARG B 42 18.99 -4.81 0.75
C ARG B 42 18.43 -5.33 -0.58
N LYS B 43 19.13 -6.30 -1.16
CA LYS B 43 18.70 -6.90 -2.42
C LYS B 43 18.69 -5.86 -3.53
N ARG B 44 19.72 -5.00 -3.55
CA ARG B 44 19.84 -3.96 -4.56
C ARG B 44 18.55 -3.13 -4.64
N GLY A 1 -16.97 13.18 -1.22
CA GLY A 1 -18.21 12.49 -0.93
C GLY A 1 -18.86 12.97 0.34
N CYS A 2 -19.01 14.29 0.46
CA CYS A 2 -19.61 14.88 1.65
C CYS A 2 -18.78 14.59 2.90
N PRO A 3 -19.00 15.39 3.96
CA PRO A 3 -18.28 15.23 5.22
C PRO A 3 -18.69 13.97 5.96
N ALA A 4 -19.86 13.44 5.64
CA ALA A 4 -20.37 12.24 6.27
C ALA A 4 -19.37 11.09 6.15
N GLU A 5 -19.64 9.99 6.86
CA GLU A 5 -18.77 8.84 6.83
C GLU A 5 -19.42 7.64 7.52
N GLN A 6 -19.67 6.58 6.75
CA GLN A 6 -20.30 5.38 7.29
C GLN A 6 -19.30 4.56 8.09
N ARG A 7 -19.38 4.69 9.41
CA ARG A 7 -18.47 3.96 10.30
C ARG A 7 -18.87 2.49 10.38
N ALA A 8 -18.57 1.73 9.33
CA ALA A 8 -18.88 0.32 9.28
C ALA A 8 -18.12 -0.39 8.17
N SER A 9 -18.48 -1.65 7.91
CA SER A 9 -17.82 -2.42 6.86
C SER A 9 -16.35 -2.63 7.20
N PRO A 10 -16.07 -3.50 8.18
CA PRO A 10 -14.71 -3.81 8.62
C PRO A 10 -13.94 -4.61 7.58
N LEU A 11 -14.66 -5.17 6.62
CA LEU A 11 -14.04 -5.97 5.56
C LEU A 11 -13.30 -5.08 4.57
N THR A 12 -13.60 -3.79 4.62
CA THR A 12 -12.96 -2.82 3.72
C THR A 12 -11.54 -2.51 4.18
N SER A 13 -11.34 -2.48 5.50
CA SER A 13 -10.02 -2.19 6.07
C SER A 13 -9.05 -3.31 5.77
N ILE A 14 -9.54 -4.55 5.82
CA ILE A 14 -8.71 -5.71 5.57
C ILE A 14 -8.17 -5.70 4.13
N ILE A 15 -9.05 -5.46 3.18
CA ILE A 15 -8.66 -5.40 1.77
C ILE A 15 -7.54 -4.40 1.55
N SER A 16 -7.73 -3.19 2.06
CA SER A 16 -6.73 -2.12 1.92
C SER A 16 -5.38 -2.59 2.43
N ALA A 17 -5.38 -3.22 3.60
CA ALA A 17 -4.14 -3.71 4.20
C ALA A 17 -3.53 -4.83 3.36
N VAL A 18 -4.34 -5.82 3.04
CA VAL A 18 -3.88 -6.96 2.24
C VAL A 18 -3.22 -6.49 0.95
N VAL A 19 -3.77 -5.43 0.36
CA VAL A 19 -3.24 -4.88 -0.88
C VAL A 19 -1.91 -4.17 -0.64
N GLY A 20 -1.80 -3.50 0.50
CA GLY A 20 -0.58 -2.79 0.83
C GLY A 20 0.61 -3.71 0.98
N ILE A 21 0.41 -4.81 1.69
CA ILE A 21 1.48 -5.78 1.90
C ILE A 21 1.80 -6.54 0.62
N LEU A 22 0.75 -6.93 -0.10
CA LEU A 22 0.92 -7.67 -1.35
C LEU A 22 1.60 -6.80 -2.40
N LEU A 23 1.28 -5.51 -2.40
CA LEU A 23 1.87 -4.57 -3.35
C LEU A 23 3.36 -4.39 -3.08
N VAL A 24 3.72 -4.21 -1.81
CA VAL A 24 5.12 -4.03 -1.43
C VAL A 24 5.95 -5.25 -1.80
N VAL A 25 5.36 -6.43 -1.64
CA VAL A 25 6.05 -7.68 -1.96
C VAL A 25 6.38 -7.76 -3.44
N VAL A 26 5.37 -7.54 -4.28
CA VAL A 26 5.55 -7.59 -5.73
C VAL A 26 6.50 -6.50 -6.20
N LEU A 27 6.21 -5.26 -5.82
CA LEU A 27 7.05 -4.13 -6.21
C LEU A 27 8.46 -4.30 -5.67
N GLY A 28 8.59 -4.93 -4.51
CA GLY A 28 9.89 -5.14 -3.91
C GLY A 28 10.77 -6.05 -4.75
N VAL A 29 10.23 -7.17 -5.18
CA VAL A 29 10.97 -8.12 -6.00
C VAL A 29 11.12 -7.62 -7.43
N VAL A 30 10.12 -6.89 -7.90
CA VAL A 30 10.14 -6.35 -9.26
C VAL A 30 11.16 -5.21 -9.37
N PHE A 31 11.05 -4.23 -8.49
CA PHE A 31 11.96 -3.09 -8.50
C PHE A 31 13.40 -3.54 -8.25
N GLY A 32 13.58 -4.42 -7.27
CA GLY A 32 14.90 -4.92 -6.94
C GLY A 32 15.57 -5.58 -8.12
N ILE A 33 14.85 -6.49 -8.77
CA ILE A 33 15.38 -7.21 -9.92
C ILE A 33 15.49 -6.29 -11.13
N LEU A 34 14.68 -5.25 -11.16
CA LEU A 34 14.70 -4.29 -12.27
C LEU A 34 15.94 -3.41 -12.20
N ILE A 35 16.22 -2.86 -11.02
CA ILE A 35 17.38 -2.01 -10.83
C ILE A 35 18.65 -2.67 -11.34
N LYS A 36 18.87 -3.92 -10.93
CA LYS A 36 20.04 -4.67 -11.35
C LYS A 36 20.05 -4.86 -12.86
N ARG A 37 18.86 -5.05 -13.43
CA ARG A 37 18.74 -5.25 -14.88
C ARG A 37 19.32 -4.07 -15.64
N ARG A 38 19.33 -2.90 -15.00
CA ARG A 38 19.87 -1.70 -15.63
C ARG A 38 21.39 -1.75 -15.70
N GLN A 39 22.01 -2.25 -14.64
CA GLN A 39 23.47 -2.35 -14.58
C GLN A 39 23.98 -3.37 -15.59
N GLN A 40 23.77 -4.65 -15.29
CA GLN A 40 24.22 -5.72 -16.17
C GLN A 40 23.40 -6.99 -15.95
N LYS A 41 23.42 -7.49 -14.72
CA LYS A 41 22.68 -8.70 -14.37
C LYS A 41 23.04 -9.86 -15.30
N ILE A 42 24.19 -10.47 -15.05
CA ILE A 42 24.66 -11.58 -15.86
C ILE A 42 25.61 -12.48 -15.08
N ARG A 43 26.48 -11.86 -14.30
CA ARG A 43 27.45 -12.60 -13.49
C ARG A 43 27.76 -11.86 -12.19
N LYS A 44 28.65 -12.44 -11.38
CA LYS A 44 29.03 -11.83 -10.11
C LYS A 44 30.05 -10.72 -10.32
N GLU B 1 -7.94 27.79 0.61
CA GLU B 1 -8.47 26.64 1.34
C GLU B 1 -7.34 25.77 1.89
N GLY B 2 -6.21 25.76 1.18
CA GLY B 2 -5.08 24.97 1.62
C GLY B 2 -4.94 23.67 0.85
N CYS B 3 -5.37 23.68 -0.41
CA CYS B 3 -5.31 22.50 -1.25
C CYS B 3 -6.17 21.37 -0.69
N PRO B 4 -6.51 20.40 -1.54
CA PRO B 4 -7.33 19.26 -1.15
C PRO B 4 -6.61 18.31 -0.22
N THR B 5 -7.33 17.74 0.74
CA THR B 5 -6.76 16.81 1.70
C THR B 5 -7.78 15.79 2.17
N ASN B 6 -8.75 15.50 1.31
CA ASN B 6 -9.80 14.54 1.63
C ASN B 6 -10.30 13.84 0.38
N GLY B 7 -9.84 12.60 0.17
CA GLY B 7 -10.25 11.84 -0.99
C GLY B 7 -11.65 11.30 -0.86
N PRO B 8 -12.20 10.79 -1.97
CA PRO B 8 -13.56 10.22 -2.00
C PRO B 8 -13.64 8.90 -1.24
N LYS B 9 -14.88 8.44 -1.00
CA LYS B 9 -15.10 7.20 -0.29
C LYS B 9 -16.40 6.54 -0.74
N ILE B 10 -16.63 6.53 -2.05
CA ILE B 10 -17.84 5.94 -2.61
C ILE B 10 -17.51 5.08 -3.82
N PRO B 11 -18.17 3.91 -3.93
CA PRO B 11 -19.15 3.48 -2.93
C PRO B 11 -18.50 3.11 -1.59
N SER B 12 -19.28 2.52 -0.70
CA SER B 12 -18.79 2.11 0.61
C SER B 12 -17.57 1.21 0.48
N ILE B 13 -17.44 0.57 -0.68
CA ILE B 13 -16.32 -0.33 -0.94
C ILE B 13 -15.12 0.43 -1.50
N ALA B 14 -15.39 1.57 -2.11
CA ALA B 14 -14.33 2.40 -2.69
C ALA B 14 -13.22 2.65 -1.69
N THR B 15 -13.59 2.78 -0.42
CA THR B 15 -12.62 3.03 0.64
C THR B 15 -11.51 2.00 0.61
N GLY B 16 -11.84 0.77 0.25
CA GLY B 16 -10.86 -0.29 0.18
C GLY B 16 -9.66 0.09 -0.66
N MET B 17 -9.90 0.47 -1.91
CA MET B 17 -8.83 0.87 -2.82
C MET B 17 -8.09 2.10 -2.29
N VAL B 18 -8.84 3.09 -1.83
CA VAL B 18 -8.25 4.31 -1.30
C VAL B 18 -7.28 4.00 -0.17
N GLY B 19 -7.65 3.05 0.68
CA GLY B 19 -6.80 2.68 1.80
C GLY B 19 -5.52 1.98 1.35
N ALA B 20 -5.65 1.11 0.35
CA ALA B 20 -4.50 0.38 -0.17
C ALA B 20 -3.45 1.34 -0.73
N LEU B 21 -3.88 2.29 -1.54
CA LEU B 21 -2.98 3.26 -2.14
C LEU B 21 -2.28 4.09 -1.05
N LEU B 22 -3.08 4.72 -0.19
CA LEU B 22 -2.54 5.54 0.89
C LEU B 22 -1.55 4.75 1.73
N LEU B 23 -2.00 3.60 2.25
CA LEU B 23 -1.15 2.75 3.07
C LEU B 23 0.18 2.45 2.36
N LEU B 24 0.10 2.12 1.08
CA LEU B 24 1.28 1.81 0.29
C LEU B 24 2.29 2.96 0.35
N LEU B 25 1.79 4.18 0.16
CA LEU B 25 2.63 5.37 0.20
C LEU B 25 3.16 5.62 1.60
N VAL B 26 2.31 5.41 2.60
CA VAL B 26 2.69 5.61 3.99
C VAL B 26 3.79 4.64 4.41
N VAL B 27 3.61 3.36 4.07
CA VAL B 27 4.59 2.34 4.41
C VAL B 27 5.91 2.57 3.67
N ALA B 28 5.81 2.82 2.38
CA ALA B 28 6.99 3.06 1.55
C ALA B 28 7.82 4.21 2.12
N LEU B 29 7.14 5.22 2.66
CA LEU B 29 7.82 6.38 3.23
C LEU B 29 8.48 6.02 4.57
N GLY B 30 7.79 5.20 5.35
CA GLY B 30 8.32 4.79 6.63
C GLY B 30 9.49 3.83 6.51
N ILE B 31 9.37 2.88 5.58
CA ILE B 31 10.42 1.89 5.36
C ILE B 31 11.62 2.51 4.64
N GLY B 32 11.34 3.40 3.69
CA GLY B 32 12.40 4.04 2.95
C GLY B 32 13.22 5.00 3.81
N LEU B 33 12.53 5.71 4.70
CA LEU B 33 13.19 6.66 5.59
C LEU B 33 14.00 5.93 6.67
N PHE B 34 13.44 4.83 7.17
CA PHE B 34 14.10 4.05 8.21
C PHE B 34 15.35 3.36 7.66
N MET B 35 15.25 2.87 6.43
CA MET B 35 16.37 2.19 5.79
C MET B 35 17.42 3.20 5.33
N ARG B 36 16.99 4.17 4.53
CA ARG B 36 17.89 5.20 4.02
C ARG B 36 18.64 5.88 5.16
N ARG B 37 18.02 5.90 6.33
CA ARG B 37 18.62 6.52 7.51
C ARG B 37 20.01 5.95 7.78
N ARG B 38 20.12 4.62 7.70
CA ARG B 38 21.39 3.95 7.94
C ARG B 38 22.12 3.70 6.63
N HIS B 39 21.77 4.46 5.60
CA HIS B 39 22.40 4.32 4.30
C HIS B 39 22.39 2.87 3.84
N ILE B 40 21.19 2.31 3.67
CA ILE B 40 21.05 0.92 3.25
C ILE B 40 19.83 0.76 2.33
N VAL B 41 20.06 0.19 1.16
CA VAL B 41 18.99 -0.04 0.19
C VAL B 41 19.29 -1.21 -0.72
N ARG B 42 20.16 -2.11 -0.24
CA ARG B 42 20.54 -3.29 -1.01
C ARG B 42 19.41 -4.30 -1.07
N LYS B 43 19.64 -5.41 -1.76
CA LYS B 43 18.63 -6.45 -1.90
C LYS B 43 19.24 -7.72 -2.51
N ARG B 44 19.61 -7.63 -3.78
CA ARG B 44 20.20 -8.76 -4.48
C ARG B 44 21.65 -8.95 -4.07
N GLY A 1 -9.32 18.74 10.15
CA GLY A 1 -10.45 18.60 11.04
C GLY A 1 -11.70 19.28 10.50
N CYS A 2 -12.64 18.48 10.00
CA CYS A 2 -13.88 19.02 9.45
C CYS A 2 -15.01 18.00 9.57
N PRO A 3 -16.26 18.49 9.48
CA PRO A 3 -17.44 17.64 9.59
C PRO A 3 -17.61 16.73 8.37
N ALA A 4 -17.93 15.47 8.62
CA ALA A 4 -18.13 14.50 7.54
C ALA A 4 -18.79 13.23 8.06
N GLU A 5 -18.23 12.67 9.13
CA GLU A 5 -18.77 11.45 9.72
C GLU A 5 -18.55 10.25 8.80
N GLN A 6 -19.34 10.17 7.74
CA GLN A 6 -19.23 9.08 6.78
C GLN A 6 -19.53 7.75 7.45
N ARG A 7 -19.57 6.68 6.65
CA ARG A 7 -19.85 5.35 7.16
C ARG A 7 -19.51 4.29 6.11
N ALA A 8 -19.15 3.10 6.59
CA ALA A 8 -18.80 2.00 5.69
C ALA A 8 -18.59 0.71 6.47
N SER A 9 -18.68 -0.42 5.78
CA SER A 9 -18.51 -1.73 6.40
C SER A 9 -17.06 -1.93 6.83
N PRO A 10 -16.87 -2.67 7.93
CA PRO A 10 -15.54 -2.96 8.48
C PRO A 10 -14.74 -3.91 7.59
N LEU A 11 -15.44 -4.58 6.67
CA LEU A 11 -14.80 -5.51 5.75
C LEU A 11 -13.98 -4.77 4.70
N THR A 12 -14.23 -3.47 4.57
CA THR A 12 -13.51 -2.65 3.59
C THR A 12 -12.11 -2.32 4.08
N SER A 13 -11.97 -2.14 5.39
CA SER A 13 -10.67 -1.81 5.99
C SER A 13 -9.73 -3.01 5.90
N ILE A 14 -10.27 -4.20 6.06
CA ILE A 14 -9.47 -5.42 6.00
C ILE A 14 -8.86 -5.60 4.61
N ILE A 15 -9.69 -5.46 3.58
CA ILE A 15 -9.23 -5.60 2.21
C ILE A 15 -8.05 -4.67 1.92
N SER A 16 -8.17 -3.42 2.37
CA SER A 16 -7.12 -2.44 2.16
C SER A 16 -5.81 -2.89 2.79
N ALA A 17 -5.89 -3.32 4.05
CA ALA A 17 -4.72 -3.79 4.77
C ALA A 17 -4.09 -4.99 4.09
N VAL A 18 -4.93 -5.98 3.77
CA VAL A 18 -4.45 -7.20 3.11
C VAL A 18 -3.65 -6.87 1.84
N VAL A 19 -4.13 -5.89 1.10
CA VAL A 19 -3.46 -5.46 -0.14
C VAL A 19 -2.14 -4.77 0.17
N GLY A 20 -2.10 -4.04 1.27
CA GLY A 20 -0.88 -3.34 1.65
C GLY A 20 0.25 -4.28 1.97
N ILE A 21 -0.04 -5.31 2.75
CA ILE A 21 0.97 -6.29 3.13
C ILE A 21 1.36 -7.17 1.95
N LEU A 22 0.36 -7.60 1.18
CA LEU A 22 0.60 -8.44 0.01
C LEU A 22 1.39 -7.68 -1.05
N LEU A 23 1.16 -6.37 -1.14
CA LEU A 23 1.85 -5.54 -2.10
C LEU A 23 3.32 -5.40 -1.75
N VAL A 24 3.60 -5.08 -0.49
CA VAL A 24 4.97 -4.92 -0.02
C VAL A 24 5.78 -6.20 -0.23
N VAL A 25 5.13 -7.33 0.00
CA VAL A 25 5.79 -8.63 -0.16
C VAL A 25 6.18 -8.86 -1.60
N VAL A 26 5.24 -8.69 -2.52
CA VAL A 26 5.50 -8.88 -3.93
C VAL A 26 6.54 -7.89 -4.45
N LEU A 27 6.29 -6.61 -4.21
CA LEU A 27 7.21 -5.56 -4.64
C LEU A 27 8.58 -5.74 -4.00
N GLY A 28 8.60 -6.25 -2.77
CA GLY A 28 9.85 -6.47 -2.08
C GLY A 28 10.74 -7.48 -2.77
N VAL A 29 10.16 -8.62 -3.14
CA VAL A 29 10.89 -9.67 -3.82
C VAL A 29 11.17 -9.31 -5.27
N VAL A 30 10.23 -8.58 -5.88
CA VAL A 30 10.37 -8.17 -7.27
C VAL A 30 11.45 -7.11 -7.42
N PHE A 31 11.35 -6.04 -6.63
CA PHE A 31 12.31 -4.95 -6.68
C PHE A 31 13.71 -5.45 -6.28
N GLY A 32 13.76 -6.27 -5.24
CA GLY A 32 15.03 -6.80 -4.79
C GLY A 32 15.75 -7.59 -5.85
N ILE A 33 15.04 -8.52 -6.49
CA ILE A 33 15.62 -9.35 -7.53
C ILE A 33 15.91 -8.53 -8.78
N LEU A 34 15.19 -7.43 -8.95
CA LEU A 34 15.36 -6.56 -10.10
C LEU A 34 16.68 -5.79 -10.00
N ILE A 35 17.03 -5.39 -8.78
CA ILE A 35 18.27 -4.66 -8.55
C ILE A 35 19.46 -5.61 -8.42
N LYS A 36 19.24 -6.75 -7.78
CA LYS A 36 20.28 -7.74 -7.60
C LYS A 36 20.92 -8.13 -8.93
N ARG A 37 20.07 -8.34 -9.94
CA ARG A 37 20.55 -8.71 -11.27
C ARG A 37 21.61 -7.74 -11.76
N ARG A 38 21.24 -6.47 -11.88
CA ARG A 38 22.17 -5.44 -12.34
C ARG A 38 22.99 -4.89 -11.17
N GLN A 39 23.67 -5.80 -10.47
CA GLN A 39 24.50 -5.40 -9.33
C GLN A 39 25.77 -4.70 -9.80
N GLN A 40 26.64 -4.38 -8.85
CA GLN A 40 27.89 -3.70 -9.17
C GLN A 40 27.65 -2.41 -9.93
N LYS A 41 26.85 -1.53 -9.33
CA LYS A 41 26.53 -0.25 -9.95
C LYS A 41 27.57 0.81 -9.60
N ILE A 42 28.83 0.51 -9.86
CA ILE A 42 29.92 1.43 -9.57
C ILE A 42 29.94 1.80 -8.09
N ARG A 43 30.33 0.85 -7.25
CA ARG A 43 30.40 1.07 -5.82
C ARG A 43 31.76 1.63 -5.41
N LYS A 44 32.81 0.87 -5.71
CA LYS A 44 34.17 1.29 -5.39
C LYS A 44 35.18 0.59 -6.30
N GLU B 1 -27.51 -13.20 10.60
CA GLU B 1 -27.08 -11.87 11.04
C GLU B 1 -26.24 -11.19 9.97
N GLY B 2 -26.72 -10.05 9.48
CA GLY B 2 -25.99 -9.31 8.45
C GLY B 2 -26.82 -8.20 7.85
N CYS B 3 -26.61 -7.95 6.55
CA CYS B 3 -27.34 -6.91 5.85
C CYS B 3 -27.34 -7.16 4.35
N PRO B 4 -28.34 -6.59 3.65
CA PRO B 4 -28.48 -6.74 2.20
C PRO B 4 -27.40 -6.00 1.43
N THR B 5 -26.88 -4.93 2.02
CA THR B 5 -25.84 -4.13 1.39
C THR B 5 -26.33 -3.50 0.09
N ASN B 6 -27.64 -3.25 0.03
CA ASN B 6 -28.24 -2.65 -1.16
C ASN B 6 -27.93 -1.16 -1.22
N GLY B 7 -27.46 -0.70 -2.38
CA GLY B 7 -27.13 0.70 -2.55
C GLY B 7 -26.11 1.19 -1.54
N PRO B 8 -24.82 0.99 -1.85
CA PRO B 8 -23.72 1.39 -0.97
C PRO B 8 -23.57 2.91 -0.91
N LYS B 9 -23.73 3.56 -2.05
CA LYS B 9 -23.62 5.02 -2.13
C LYS B 9 -22.20 5.47 -1.75
N ILE B 10 -21.33 5.56 -2.75
CA ILE B 10 -19.95 5.99 -2.53
C ILE B 10 -19.91 7.32 -1.80
N PRO B 11 -18.95 7.44 -0.86
CA PRO B 11 -18.02 6.37 -0.54
C PRO B 11 -18.70 5.20 0.16
N SER B 12 -18.07 4.03 0.11
CA SER B 12 -18.61 2.83 0.74
C SER B 12 -17.70 1.63 0.50
N ILE B 13 -17.73 1.10 -0.71
CA ILE B 13 -16.91 -0.05 -1.06
C ILE B 13 -15.62 0.39 -1.76
N ALA B 14 -15.65 1.58 -2.33
CA ALA B 14 -14.49 2.12 -3.02
C ALA B 14 -13.36 2.44 -2.04
N THR B 15 -13.72 2.69 -0.79
CA THR B 15 -12.75 3.01 0.24
C THR B 15 -11.63 1.97 0.28
N GLY B 16 -11.96 0.74 -0.09
CA GLY B 16 -10.97 -0.33 -0.09
C GLY B 16 -9.74 0.03 -0.90
N MET B 17 -9.94 0.37 -2.17
CA MET B 17 -8.83 0.74 -3.04
C MET B 17 -8.04 1.90 -2.46
N VAL B 18 -8.74 2.95 -2.05
CA VAL B 18 -8.09 4.12 -1.46
C VAL B 18 -7.27 3.75 -0.24
N GLY B 19 -7.80 2.84 0.58
CA GLY B 19 -7.09 2.41 1.76
C GLY B 19 -5.79 1.70 1.45
N ALA B 20 -5.80 0.89 0.40
CA ALA B 20 -4.61 0.15 0.00
C ALA B 20 -3.53 1.09 -0.51
N LEU B 21 -3.94 2.09 -1.29
CA LEU B 21 -3.01 3.07 -1.84
C LEU B 21 -2.34 3.89 -0.73
N LEU B 22 -3.17 4.44 0.15
CA LEU B 22 -2.67 5.26 1.26
C LEU B 22 -1.62 4.48 2.05
N LEU B 23 -1.95 3.25 2.43
CA LEU B 23 -1.03 2.40 3.19
C LEU B 23 0.29 2.23 2.45
N LEU B 24 0.19 1.97 1.15
CA LEU B 24 1.38 1.78 0.32
C LEU B 24 2.33 2.98 0.45
N LEU B 25 1.78 4.18 0.33
CA LEU B 25 2.56 5.41 0.42
C LEU B 25 3.11 5.58 1.84
N VAL B 26 2.28 5.27 2.83
CA VAL B 26 2.69 5.40 4.22
C VAL B 26 3.84 4.46 4.56
N VAL B 27 3.71 3.20 4.15
CA VAL B 27 4.75 2.20 4.40
C VAL B 27 6.03 2.55 3.66
N ALA B 28 5.89 2.87 2.38
CA ALA B 28 7.04 3.23 1.56
C ALA B 28 7.83 4.38 2.17
N LEU B 29 7.12 5.31 2.80
CA LEU B 29 7.75 6.46 3.44
C LEU B 29 8.47 6.05 4.73
N GLY B 30 7.85 5.14 5.46
CA GLY B 30 8.44 4.67 6.72
C GLY B 30 9.64 3.76 6.48
N ILE B 31 9.52 2.89 5.49
CA ILE B 31 10.61 1.96 5.17
C ILE B 31 11.76 2.68 4.48
N GLY B 32 11.42 3.63 3.61
CA GLY B 32 12.44 4.37 2.89
C GLY B 32 13.23 5.28 3.80
N LEU B 33 12.55 5.93 4.75
CA LEU B 33 13.20 6.84 5.68
C LEU B 33 14.06 6.07 6.67
N PHE B 34 13.54 4.94 7.15
CA PHE B 34 14.26 4.11 8.11
C PHE B 34 15.49 3.49 7.47
N MET B 35 15.36 3.10 6.20
CA MET B 35 16.46 2.49 5.46
C MET B 35 17.51 3.53 5.09
N ARG B 36 17.09 4.78 4.98
CA ARG B 36 17.99 5.87 4.62
C ARG B 36 19.16 5.94 5.60
N ARG B 37 18.93 5.46 6.82
CA ARG B 37 19.97 5.47 7.84
C ARG B 37 21.16 4.62 7.42
N ARG B 38 20.91 3.66 6.54
CA ARG B 38 21.97 2.78 6.06
C ARG B 38 22.75 2.18 7.22
N HIS B 39 22.02 1.70 8.23
CA HIS B 39 22.64 1.10 9.41
C HIS B 39 21.78 -0.01 9.97
N ILE B 40 20.97 -0.62 9.11
CA ILE B 40 20.09 -1.70 9.52
C ILE B 40 20.78 -3.06 9.41
N VAL B 41 20.05 -4.12 9.72
CA VAL B 41 20.60 -5.47 9.66
C VAL B 41 19.50 -6.49 9.39
N ARG B 42 18.46 -6.06 8.70
CA ARG B 42 17.33 -6.94 8.37
C ARG B 42 17.62 -7.73 7.10
N LYS B 43 16.72 -8.62 6.73
CA LYS B 43 16.87 -9.45 5.54
C LYS B 43 15.51 -9.90 5.02
N ARG B 44 14.78 -10.65 5.85
CA ARG B 44 13.47 -11.15 5.47
C ARG B 44 12.52 -11.16 6.67
N GLY A 1 -7.17 16.26 -3.66
CA GLY A 1 -8.32 15.42 -3.34
C GLY A 1 -8.06 14.46 -2.20
N CYS A 2 -8.82 14.60 -1.13
CA CYS A 2 -8.67 13.73 0.04
C CYS A 2 -10.02 13.27 0.56
N PRO A 3 -10.02 12.14 1.27
CA PRO A 3 -11.25 11.55 1.84
C PRO A 3 -11.80 12.39 2.99
N ALA A 4 -13.11 12.66 2.93
CA ALA A 4 -13.77 13.45 3.96
C ALA A 4 -13.84 12.68 5.27
N GLU A 5 -13.91 11.36 5.18
CA GLU A 5 -13.97 10.50 6.36
C GLU A 5 -13.85 9.03 5.98
N GLN A 6 -14.05 8.15 6.97
CA GLN A 6 -13.95 6.72 6.73
C GLN A 6 -14.91 5.96 7.64
N ARG A 7 -15.76 5.14 7.04
CA ARG A 7 -16.73 4.35 7.79
C ARG A 7 -17.49 3.40 6.88
N ALA A 8 -17.27 2.10 7.07
CA ALA A 8 -17.92 1.08 6.26
C ALA A 8 -17.63 -0.32 6.80
N SER A 9 -18.00 -1.33 6.02
CA SER A 9 -17.79 -2.72 6.42
C SER A 9 -16.31 -2.97 6.73
N PRO A 10 -16.05 -3.87 7.68
CA PRO A 10 -14.69 -4.23 8.09
C PRO A 10 -13.94 -5.01 7.01
N LEU A 11 -14.69 -5.52 6.05
CA LEU A 11 -14.10 -6.28 4.95
C LEU A 11 -13.35 -5.38 3.98
N THR A 12 -13.61 -4.08 4.08
CA THR A 12 -12.96 -3.10 3.22
C THR A 12 -11.53 -2.83 3.67
N SER A 13 -11.32 -2.86 4.98
CA SER A 13 -10.00 -2.62 5.55
C SER A 13 -9.04 -3.75 5.21
N ILE A 14 -9.56 -4.98 5.25
CA ILE A 14 -8.76 -6.17 4.95
C ILE A 14 -8.21 -6.10 3.53
N ILE A 15 -9.07 -5.75 2.57
CA ILE A 15 -8.66 -5.65 1.19
C ILE A 15 -7.50 -4.68 1.01
N SER A 16 -7.64 -3.49 1.60
CA SER A 16 -6.61 -2.46 1.52
C SER A 16 -5.27 -3.00 2.02
N ALA A 17 -5.30 -3.68 3.16
CA ALA A 17 -4.09 -4.25 3.75
C ALA A 17 -3.50 -5.33 2.85
N VAL A 18 -4.34 -6.28 2.45
CA VAL A 18 -3.90 -7.37 1.58
C VAL A 18 -3.20 -6.84 0.33
N VAL A 19 -3.73 -5.74 -0.21
CA VAL A 19 -3.16 -5.13 -1.40
C VAL A 19 -1.80 -4.50 -1.10
N GLY A 20 -1.69 -3.89 0.07
CA GLY A 20 -0.44 -3.25 0.46
C GLY A 20 0.70 -4.23 0.56
N ILE A 21 0.46 -5.37 1.21
CA ILE A 21 1.48 -6.39 1.39
C ILE A 21 1.78 -7.09 0.06
N LEU A 22 0.73 -7.40 -0.69
CA LEU A 22 0.88 -8.06 -1.98
C LEU A 22 1.62 -7.16 -2.97
N LEU A 23 1.36 -5.86 -2.90
CA LEU A 23 1.99 -4.90 -3.78
C LEU A 23 3.49 -4.79 -3.49
N VAL A 24 3.83 -4.70 -2.21
CA VAL A 24 5.23 -4.60 -1.80
C VAL A 24 6.02 -5.83 -2.24
N VAL A 25 5.38 -7.00 -2.15
CA VAL A 25 6.02 -8.25 -2.54
C VAL A 25 6.37 -8.26 -4.03
N VAL A 26 5.37 -7.95 -4.86
CA VAL A 26 5.56 -7.92 -6.30
C VAL A 26 6.59 -6.86 -6.69
N LEU A 27 6.36 -5.63 -6.25
CA LEU A 27 7.26 -4.53 -6.55
C LEU A 27 8.66 -4.79 -6.02
N GLY A 28 8.73 -5.48 -4.88
CA GLY A 28 10.02 -5.80 -4.29
C GLY A 28 10.86 -6.69 -5.18
N VAL A 29 10.26 -7.77 -5.67
CA VAL A 29 10.98 -8.70 -6.54
C VAL A 29 11.19 -8.11 -7.92
N VAL A 30 10.24 -7.29 -8.36
CA VAL A 30 10.33 -6.66 -9.68
C VAL A 30 11.42 -5.59 -9.69
N PHE A 31 11.46 -4.76 -8.66
CA PHE A 31 12.45 -3.70 -8.56
C PHE A 31 13.86 -4.28 -8.45
N GLY A 32 14.02 -5.25 -7.55
CA GLY A 32 15.32 -5.88 -7.37
C GLY A 32 15.86 -6.48 -8.65
N ILE A 33 15.03 -7.27 -9.33
CA ILE A 33 15.44 -7.91 -10.57
C ILE A 33 15.65 -6.87 -11.67
N LEU A 34 14.94 -5.76 -11.58
CA LEU A 34 15.05 -4.70 -12.58
C LEU A 34 16.43 -4.03 -12.50
N ILE A 35 16.94 -3.87 -11.29
CA ILE A 35 18.25 -3.26 -11.09
C ILE A 35 19.35 -4.11 -11.72
N LYS A 36 19.20 -5.42 -11.65
CA LYS A 36 20.18 -6.34 -12.20
C LYS A 36 19.92 -6.58 -13.69
N ARG A 37 18.66 -6.44 -14.10
CA ARG A 37 18.28 -6.63 -15.49
C ARG A 37 19.07 -5.69 -16.41
N ARG A 38 19.54 -4.59 -15.83
CA ARG A 38 20.30 -3.61 -16.61
C ARG A 38 21.62 -4.20 -17.10
N GLN A 39 22.10 -5.22 -16.39
CA GLN A 39 23.36 -5.87 -16.75
C GLN A 39 23.22 -6.58 -18.10
N GLN A 40 24.27 -6.47 -18.92
CA GLN A 40 24.27 -7.11 -20.23
C GLN A 40 24.22 -8.62 -20.12
N LYS A 41 24.94 -9.16 -19.14
CA LYS A 41 24.97 -10.60 -18.90
C LYS A 41 23.68 -11.08 -18.26
N ILE A 42 22.69 -11.39 -19.10
CA ILE A 42 21.40 -11.86 -18.61
C ILE A 42 20.73 -12.79 -19.62
N ARG A 43 21.54 -13.56 -20.34
CA ARG A 43 21.03 -14.48 -21.34
C ARG A 43 22.03 -15.60 -21.62
N LYS A 44 21.52 -16.77 -22.00
CA LYS A 44 22.36 -17.91 -22.30
C LYS A 44 22.66 -18.00 -23.78
N GLU B 1 -37.94 3.84 7.28
CA GLU B 1 -38.89 4.13 6.21
C GLU B 1 -38.36 5.21 5.29
N GLY B 2 -39.04 5.42 4.16
CA GLY B 2 -38.62 6.42 3.21
C GLY B 2 -38.80 5.97 1.77
N CYS B 3 -37.83 6.30 0.93
CA CYS B 3 -37.87 5.93 -0.48
C CYS B 3 -36.48 5.97 -1.11
N PRO B 4 -35.62 5.03 -0.69
CA PRO B 4 -34.25 4.94 -1.19
C PRO B 4 -34.19 4.49 -2.65
N THR B 5 -33.03 4.64 -3.27
CA THR B 5 -32.84 4.25 -4.66
C THR B 5 -31.41 3.84 -4.94
N ASN B 6 -30.49 4.79 -4.78
CA ASN B 6 -29.06 4.53 -5.00
C ASN B 6 -28.20 5.35 -4.06
N GLY B 7 -28.50 6.66 -3.98
CA GLY B 7 -27.74 7.54 -3.11
C GLY B 7 -26.26 7.57 -3.47
N PRO B 8 -25.45 8.11 -2.55
CA PRO B 8 -23.99 8.22 -2.75
C PRO B 8 -23.31 6.85 -2.71
N LYS B 9 -21.97 6.86 -2.65
CA LYS B 9 -21.20 5.64 -2.62
C LYS B 9 -19.96 5.81 -1.74
N ILE B 10 -19.96 6.85 -0.92
CA ILE B 10 -18.83 7.13 -0.04
C ILE B 10 -19.28 7.86 1.22
N PRO B 11 -18.76 7.44 2.38
CA PRO B 11 -17.80 6.33 2.45
C PRO B 11 -18.44 4.98 2.12
N SER B 12 -17.63 4.02 1.72
CA SER B 12 -18.12 2.69 1.37
C SER B 12 -16.97 1.79 0.91
N ILE B 13 -17.32 0.72 0.21
CA ILE B 13 -16.33 -0.22 -0.30
C ILE B 13 -15.22 0.51 -1.05
N ALA B 14 -15.52 1.71 -1.53
CA ALA B 14 -14.55 2.50 -2.26
C ALA B 14 -13.28 2.72 -1.44
N THR B 15 -13.44 2.81 -0.12
CA THR B 15 -12.31 3.01 0.78
C THR B 15 -11.23 1.97 0.55
N GLY B 16 -11.63 0.80 0.04
CA GLY B 16 -10.68 -0.26 -0.21
C GLY B 16 -9.57 0.17 -1.15
N MET B 17 -9.93 0.78 -2.27
CA MET B 17 -8.96 1.23 -3.25
C MET B 17 -8.05 2.30 -2.64
N VAL B 18 -8.65 3.32 -2.05
CA VAL B 18 -7.89 4.41 -1.43
C VAL B 18 -6.94 3.88 -0.36
N GLY B 19 -7.43 2.91 0.41
CA GLY B 19 -6.61 2.33 1.47
C GLY B 19 -5.41 1.60 0.93
N ALA B 20 -5.61 0.84 -0.15
CA ALA B 20 -4.52 0.08 -0.76
C ALA B 20 -3.43 1.01 -1.27
N LEU B 21 -3.82 2.04 -2.01
CA LEU B 21 -2.87 3.00 -2.56
C LEU B 21 -2.24 3.84 -1.45
N LEU B 22 -3.07 4.32 -0.53
CA LEU B 22 -2.60 5.14 0.57
C LEU B 22 -1.61 4.35 1.44
N LEU B 23 -2.03 3.19 1.91
CA LEU B 23 -1.19 2.35 2.75
C LEU B 23 0.17 2.11 2.08
N LEU B 24 0.13 1.76 0.80
CA LEU B 24 1.35 1.50 0.05
C LEU B 24 2.31 2.69 0.13
N LEU B 25 1.77 3.88 -0.06
CA LEU B 25 2.57 5.10 -0.01
C LEU B 25 3.05 5.37 1.42
N VAL B 26 2.18 5.13 2.38
CA VAL B 26 2.51 5.34 3.78
C VAL B 26 3.64 4.43 4.23
N VAL B 27 3.52 3.14 3.89
CA VAL B 27 4.53 2.15 4.26
C VAL B 27 5.86 2.46 3.57
N ALA B 28 5.80 2.72 2.27
CA ALA B 28 7.01 3.02 1.50
C ALA B 28 7.76 4.19 2.11
N LEU B 29 7.02 5.17 2.62
CA LEU B 29 7.62 6.35 3.24
C LEU B 29 8.23 6.00 4.59
N GLY B 30 7.55 5.14 5.34
CA GLY B 30 8.04 4.74 6.64
C GLY B 30 9.25 3.84 6.56
N ILE B 31 9.22 2.91 5.62
CA ILE B 31 10.33 1.98 5.44
C ILE B 31 11.53 2.66 4.78
N GLY B 32 11.25 3.53 3.81
CA GLY B 32 12.32 4.24 3.13
C GLY B 32 13.04 5.21 4.03
N LEU B 33 12.29 5.87 4.91
CA LEU B 33 12.86 6.84 5.84
C LEU B 33 13.67 6.14 6.93
N PHE B 34 13.09 5.08 7.49
CA PHE B 34 13.75 4.32 8.55
C PHE B 34 15.06 3.72 8.05
N MET B 35 15.07 3.28 6.80
CA MET B 35 16.26 2.69 6.21
C MET B 35 17.29 3.77 5.87
N ARG B 36 16.81 4.99 5.64
CA ARG B 36 17.68 6.11 5.31
C ARG B 36 18.43 6.59 6.54
N ARG B 37 17.87 6.33 7.71
CA ARG B 37 18.49 6.75 8.98
C ARG B 37 19.90 6.19 9.09
N ARG B 38 20.16 5.08 8.41
CA ARG B 38 21.48 4.45 8.44
C ARG B 38 22.51 5.34 7.76
N HIS B 39 22.04 6.34 7.02
CA HIS B 39 22.94 7.25 6.33
C HIS B 39 24.10 6.50 5.68
N ILE B 40 23.80 5.32 5.15
CA ILE B 40 24.81 4.50 4.50
C ILE B 40 25.13 5.02 3.10
N VAL B 41 26.40 4.94 2.72
CA VAL B 41 26.83 5.40 1.39
C VAL B 41 26.60 4.32 0.34
N ARG B 42 25.37 3.84 0.24
CA ARG B 42 25.03 2.80 -0.73
C ARG B 42 24.72 3.41 -2.09
N LYS B 43 24.22 4.65 -2.08
CA LYS B 43 23.88 5.34 -3.32
C LYS B 43 22.85 4.56 -4.12
N ARG B 44 21.58 4.86 -3.87
CA ARG B 44 20.49 4.18 -4.56
C ARG B 44 20.17 4.87 -5.89
#